data_1M9U
#
_entry.id   1M9U
#
_cell.length_a   40.600
_cell.length_b   126.100
_cell.length_c   129.100
_cell.angle_alpha   90.00
_cell.angle_beta   90.00
_cell.angle_gamma   90.00
#
_symmetry.space_group_name_H-M   'P 21 21 21'
#
loop_
_entity.id
_entity.type
_entity.pdbx_description
1 polymer 'Earthworm Fibrinolytic Enzyme'
2 water water
#
_entity_poly.entity_id   1
_entity_poly.type   'polypeptide(L)'
_entity_poly.pdbx_seq_one_letter_code
;VIGGTNASPGEFPWQLSQQRQSGSWSHSCGASLLSSTSALSASHCVDGVLPNNIRVIAGLWQQSDTSGTQTANVDSYTMH
ENYGAGTASYSNDIAILHLATSISLGGNIQAAVLPANNNNDYAGTTCVISGWGRTDGTNNLPDILQKSSIPVITTAQCTA
AMVGVGGANIWDNHICVQDPAGNTGACNGDSGGPLNCPDGGTRVVGVTSWVVSSGLGACLPDYPSVYTRVSAYLGWIGDN
S
;
_entity_poly.pdbx_strand_id   A,B,C
#
# COMPACT_ATOMS: atom_id res chain seq x y z
N VAL A 1 16.27 -6.64 13.37
CA VAL A 1 16.41 -6.72 11.88
C VAL A 1 15.76 -7.99 11.33
N ILE A 2 14.69 -7.81 10.56
CA ILE A 2 13.93 -8.91 9.96
C ILE A 2 14.50 -9.25 8.58
N GLY A 3 14.77 -10.52 8.35
CA GLY A 3 15.30 -10.96 7.06
C GLY A 3 16.81 -10.78 6.92
N GLY A 4 17.45 -10.38 8.00
CA GLY A 4 18.88 -10.16 7.97
C GLY A 4 19.73 -11.40 7.91
N THR A 5 21.04 -11.19 8.01
CA THR A 5 22.04 -12.25 7.96
C THR A 5 22.95 -12.05 9.15
N ASN A 6 23.91 -12.94 9.33
CA ASN A 6 24.82 -12.83 10.46
C ASN A 6 25.93 -11.82 10.23
N ALA A 7 26.15 -10.91 11.19
CA ALA A 7 27.22 -9.93 11.07
C ALA A 7 28.49 -10.63 11.51
N SER A 8 29.63 -10.03 11.20
CA SER A 8 30.91 -10.61 11.58
C SER A 8 31.46 -9.85 12.77
N PRO A 9 32.26 -10.53 13.63
CA PRO A 9 32.83 -9.89 14.81
C PRO A 9 33.67 -8.67 14.41
N GLY A 10 33.46 -7.56 15.13
CA GLY A 10 34.22 -6.36 14.81
C GLY A 10 33.89 -5.78 13.44
N GLU A 11 32.72 -6.15 12.91
CA GLU A 11 32.29 -5.66 11.60
C GLU A 11 31.76 -4.24 11.70
N PHE A 12 31.05 -3.94 12.78
CA PHE A 12 30.54 -2.60 13.03
C PHE A 12 31.10 -2.28 14.41
N PRO A 13 32.40 -1.96 14.48
CA PRO A 13 33.10 -1.65 15.73
C PRO A 13 32.50 -0.57 16.63
N TRP A 14 31.66 0.29 16.06
CA TRP A 14 31.06 1.35 16.86
C TRP A 14 29.69 0.89 17.39
N GLN A 15 29.23 -0.28 16.95
CA GLN A 15 27.93 -0.78 17.38
C GLN A 15 27.91 -1.14 18.85
N LEU A 16 26.93 -0.59 19.57
CA LEU A 16 26.79 -0.85 21.00
C LEU A 16 25.47 -1.49 21.36
N SER A 17 25.45 -2.16 22.50
CA SER A 17 24.24 -2.76 23.01
C SER A 17 23.87 -1.87 24.20
N GLN A 18 22.75 -1.19 24.15
CA GLN A 18 22.39 -0.37 25.28
C GLN A 18 21.34 -1.09 26.14
N GLN A 19 21.74 -1.56 27.30
CA GLN A 19 20.83 -2.30 28.18
C GLN A 19 20.08 -1.47 29.18
N ARG A 20 18.92 -1.98 29.57
CA ARG A 20 18.07 -1.33 30.54
C ARG A 20 17.90 -2.24 31.74
N GLN A 21 18.03 -1.70 32.94
CA GLN A 21 17.86 -2.53 34.11
C GLN A 21 16.43 -2.53 34.60
N SER A 22 15.81 -3.70 34.48
CA SER A 22 14.44 -3.96 34.90
C SER A 22 14.55 -5.19 35.82
N GLY A 23 15.23 -5.03 36.96
CA GLY A 23 15.46 -6.15 37.86
C GLY A 23 16.77 -6.75 37.38
N SER A 24 16.76 -7.16 36.11
CA SER A 24 17.92 -7.73 35.44
C SER A 24 18.24 -6.92 34.16
N TRP A 25 19.53 -6.80 33.83
CA TRP A 25 19.94 -6.07 32.65
C TRP A 25 19.65 -6.85 31.37
N SER A 26 19.01 -6.18 30.42
CA SER A 26 18.72 -6.79 29.13
C SER A 26 18.78 -5.72 28.06
N HIS A 27 19.22 -6.14 26.87
CA HIS A 27 19.33 -5.25 25.72
C HIS A 27 18.04 -4.51 25.52
N SER A 28 18.15 -3.20 25.33
CA SER A 28 17.00 -2.32 25.11
C SER A 28 17.06 -1.72 23.71
N CYS A 29 18.13 -0.99 23.45
CA CYS A 29 18.29 -0.34 22.16
C CYS A 29 19.71 -0.49 21.67
N GLY A 30 19.94 0.01 20.47
CA GLY A 30 21.27 0.01 19.92
C GLY A 30 21.84 1.39 20.22
N ALA A 31 23.08 1.60 19.82
CA ALA A 31 23.70 2.91 19.91
C ALA A 31 25.04 2.87 19.18
N SER A 32 25.67 4.03 18.99
CA SER A 32 26.97 4.04 18.34
C SER A 32 27.92 4.86 19.21
N LEU A 33 29.18 4.44 19.26
CA LEU A 33 30.18 5.12 20.06
C LEU A 33 30.70 6.29 19.27
N LEU A 34 30.62 7.48 19.86
CA LEU A 34 31.10 8.69 19.23
C LEU A 34 32.56 8.84 19.64
N SER A 35 32.83 8.59 20.92
CA SER A 35 34.18 8.70 21.49
C SER A 35 34.37 7.76 22.69
N SER A 36 35.44 7.98 23.45
CA SER A 36 35.76 7.15 24.61
C SER A 36 34.75 7.30 25.73
N THR A 37 34.06 8.43 25.78
CA THR A 37 33.07 8.67 26.82
C THR A 37 31.72 9.07 26.26
N SER A 38 31.54 8.88 24.95
CA SER A 38 30.29 9.29 24.26
C SER A 38 29.65 8.29 23.33
N ALA A 39 28.31 8.25 23.34
CA ALA A 39 27.54 7.38 22.48
C ALA A 39 26.32 8.13 21.95
N LEU A 40 25.95 7.83 20.71
CA LEU A 40 24.81 8.44 20.00
C LEU A 40 23.61 7.48 19.98
N SER A 41 22.44 7.94 20.38
CA SER A 41 21.25 7.08 20.45
C SER A 41 19.94 7.81 20.10
N ALA A 42 18.80 7.17 20.35
CA ALA A 42 17.49 7.78 20.07
C ALA A 42 16.90 8.34 21.36
N SER A 43 16.18 9.44 21.27
CA SER A 43 15.58 10.04 22.46
C SER A 43 14.54 9.15 23.12
N HIS A 44 13.80 8.42 22.29
CA HIS A 44 12.76 7.55 22.81
C HIS A 44 13.28 6.35 23.59
N CYS A 45 14.58 6.09 23.48
CA CYS A 45 15.21 4.98 24.15
C CYS A 45 15.52 5.26 25.63
N VAL A 46 15.84 6.52 25.93
CA VAL A 46 16.21 6.96 27.27
C VAL A 46 15.10 7.79 27.92
N ASP A 47 14.09 8.13 27.13
CA ASP A 47 12.95 8.92 27.59
C ASP A 47 12.23 8.27 28.78
N GLY A 48 12.38 8.85 29.97
CA GLY A 48 11.72 8.32 31.15
C GLY A 48 12.53 7.32 31.94
N VAL A 49 13.74 7.03 31.45
CA VAL A 49 14.64 6.09 32.11
C VAL A 49 15.75 6.79 32.91
N LEU A 50 15.85 6.47 34.21
CA LEU A 50 16.90 7.04 35.03
C LEU A 50 18.19 6.53 34.44
N PRO A 51 19.23 7.37 34.37
CA PRO A 51 20.56 7.02 33.83
C PRO A 51 21.23 5.89 34.57
N ASN A 52 20.86 5.70 35.83
CA ASN A 52 21.45 4.64 36.63
C ASN A 52 20.94 3.27 36.20
N ASN A 53 19.80 3.27 35.53
CA ASN A 53 19.21 2.03 35.06
C ASN A 53 19.59 1.80 33.61
N ILE A 54 20.70 2.40 33.18
CA ILE A 54 21.16 2.26 31.80
C ILE A 54 22.66 2.09 31.72
N ARG A 55 23.10 1.28 30.77
CA ARG A 55 24.51 1.08 30.54
C ARG A 55 24.68 0.58 29.11
N VAL A 56 25.89 0.65 28.58
CA VAL A 56 26.15 0.17 27.25
C VAL A 56 27.28 -0.86 27.27
N ILE A 57 27.31 -1.75 26.27
CA ILE A 57 28.35 -2.77 26.15
C ILE A 57 29.02 -2.63 24.79
N ALA A 58 30.35 -2.47 24.82
CA ALA A 58 31.14 -2.30 23.60
C ALA A 58 31.93 -3.55 23.26
N GLY A 59 32.08 -3.76 21.95
CA GLY A 59 32.83 -4.89 21.44
C GLY A 59 32.11 -6.20 21.51
N LEU A 60 30.79 -6.14 21.61
CA LEU A 60 29.93 -7.32 21.70
C LEU A 60 29.52 -7.86 20.30
N TRP A 61 29.41 -9.18 20.17
CA TRP A 61 29.00 -9.76 18.90
C TRP A 61 27.86 -10.74 19.15
N GLN A 62 28.03 -11.52 20.20
CA GLN A 62 27.07 -12.53 20.64
C GLN A 62 26.64 -12.05 22.03
N GLN A 63 25.35 -11.81 22.23
CA GLN A 63 24.86 -11.32 23.52
C GLN A 63 25.22 -12.24 24.70
N SER A 64 25.23 -13.54 24.45
CA SER A 64 25.51 -14.52 25.49
C SER A 64 26.99 -14.58 25.88
N ASP A 65 27.84 -13.89 25.13
CA ASP A 65 29.26 -13.89 25.44
C ASP A 65 29.88 -12.51 25.53
N THR A 66 30.15 -12.07 26.76
CA THR A 66 30.71 -10.75 27.04
C THR A 66 32.23 -10.80 27.20
N SER A 67 32.87 -11.71 26.47
CA SER A 67 34.32 -11.91 26.52
C SER A 67 35.09 -10.87 25.70
N GLY A 68 35.98 -10.15 26.37
CA GLY A 68 36.77 -9.13 25.69
C GLY A 68 35.86 -7.97 25.35
N THR A 69 34.89 -7.76 26.21
CA THR A 69 33.91 -6.72 26.01
C THR A 69 34.23 -5.60 26.99
N GLN A 70 33.55 -4.47 26.84
CA GLN A 70 33.74 -3.37 27.77
C GLN A 70 32.36 -2.84 28.05
N THR A 71 32.03 -2.67 29.34
CA THR A 71 30.74 -2.14 29.78
C THR A 71 30.97 -0.82 30.51
N ALA A 72 30.14 0.17 30.20
CA ALA A 72 30.23 1.45 30.85
C ALA A 72 28.82 1.80 31.23
N ASN A 73 28.61 2.21 32.48
CA ASN A 73 27.28 2.61 32.87
C ASN A 73 27.16 3.99 32.30
N VAL A 74 25.95 4.51 32.20
CA VAL A 74 25.75 5.83 31.66
C VAL A 74 25.58 6.78 32.83
N ASP A 75 26.37 7.87 32.83
CA ASP A 75 26.31 8.85 33.91
C ASP A 75 25.03 9.63 33.76
N SER A 76 24.78 10.07 32.53
CA SER A 76 23.61 10.85 32.24
C SER A 76 23.54 10.87 30.74
N TYR A 77 22.51 11.53 30.24
CA TYR A 77 22.27 11.65 28.82
C TYR A 77 21.62 13.00 28.48
N THR A 78 21.69 13.38 27.21
CA THR A 78 21.09 14.61 26.75
C THR A 78 20.16 14.27 25.63
N MET A 79 18.88 14.57 25.85
CA MET A 79 17.83 14.33 24.87
C MET A 79 17.71 15.63 24.08
N HIS A 80 17.36 15.54 22.80
CA HIS A 80 17.21 16.74 22.02
C HIS A 80 16.12 17.60 22.67
N GLU A 81 16.37 18.89 22.87
CA GLU A 81 15.36 19.74 23.52
C GLU A 81 14.08 19.88 22.73
N ASN A 82 14.13 19.71 21.42
CA ASN A 82 12.93 19.83 20.60
C ASN A 82 12.34 18.48 20.28
N TYR A 83 12.74 17.46 21.02
CA TYR A 83 12.23 16.12 20.80
C TYR A 83 10.72 16.11 20.89
N GLY A 84 10.07 15.68 19.82
CA GLY A 84 8.62 15.62 19.80
C GLY A 84 7.97 16.92 19.37
N ALA A 85 8.78 17.95 19.18
CA ALA A 85 8.27 19.25 18.76
C ALA A 85 7.82 19.23 17.30
N GLY A 86 6.55 19.54 17.07
CA GLY A 86 6.05 19.60 15.70
C GLY A 86 5.04 18.55 15.25
N THR A 87 5.02 18.33 13.93
CA THR A 87 4.10 17.37 13.32
C THR A 87 4.80 16.09 12.88
N ALA A 88 6.06 16.19 12.46
CA ALA A 88 6.82 15.03 12.02
C ALA A 88 6.91 14.02 13.16
N SER A 89 6.64 12.75 12.87
CA SER A 89 6.65 11.70 13.89
C SER A 89 8.03 11.49 14.54
N TYR A 90 8.01 11.47 15.88
CA TYR A 90 9.22 11.34 16.70
C TYR A 90 10.23 12.34 16.17
N SER A 91 9.90 13.63 16.27
CA SER A 91 10.77 14.69 15.77
C SER A 91 12.01 14.87 16.66
N ASN A 92 13.16 15.02 16.00
CA ASN A 92 14.42 15.19 16.71
C ASN A 92 14.69 14.08 17.72
N ASP A 93 14.48 12.85 17.26
CA ASP A 93 14.70 11.65 18.07
C ASP A 93 16.18 11.34 18.11
N ILE A 94 16.90 12.14 18.90
CA ILE A 94 18.32 11.97 19.02
C ILE A 94 18.73 12.30 20.46
N ALA A 95 19.81 11.69 20.93
CA ALA A 95 20.31 11.90 22.30
C ALA A 95 21.78 11.51 22.44
N ILE A 96 22.42 12.04 23.46
CA ILE A 96 23.81 11.67 23.69
C ILE A 96 23.83 10.98 25.06
N LEU A 97 24.55 9.86 25.14
CA LEU A 97 24.65 9.15 26.40
C LEU A 97 26.01 9.53 26.90
N HIS A 98 26.10 9.96 28.16
CA HIS A 98 27.38 10.33 28.74
C HIS A 98 27.85 9.22 29.67
N LEU A 99 28.87 8.50 29.23
CA LEU A 99 29.44 7.42 30.01
C LEU A 99 30.10 7.85 31.32
N ALA A 100 29.96 6.97 32.32
CA ALA A 100 30.52 7.14 33.65
C ALA A 100 32.00 6.76 33.72
N THR A 101 32.47 6.07 32.69
CA THR A 101 33.86 5.67 32.60
C THR A 101 34.27 5.73 31.13
N SER A 102 35.57 5.73 30.90
CA SER A 102 36.06 5.79 29.53
C SER A 102 36.19 4.38 28.97
N ILE A 103 35.93 4.25 27.67
CA ILE A 103 36.05 2.97 26.98
C ILE A 103 37.29 3.09 26.10
N SER A 104 38.17 2.08 26.14
CA SER A 104 39.39 2.07 25.34
C SER A 104 39.04 1.63 23.92
N LEU A 105 39.37 2.45 22.95
CA LEU A 105 39.04 2.13 21.57
C LEU A 105 39.98 1.03 21.03
N GLY A 106 39.57 -0.22 21.30
CA GLY A 106 40.35 -1.39 20.92
C GLY A 106 40.52 -1.72 19.46
N GLY A 107 40.42 -3.00 19.15
CA GLY A 107 40.54 -3.46 17.78
C GLY A 107 39.13 -3.53 17.24
N ASN A 108 38.29 -4.28 17.94
CA ASN A 108 36.89 -4.43 17.53
C ASN A 108 36.02 -3.26 17.98
N ILE A 109 36.63 -2.28 18.63
CA ILE A 109 35.93 -1.11 19.15
C ILE A 109 36.48 0.19 18.61
N GLN A 110 35.67 0.87 17.81
CA GLN A 110 36.05 2.13 17.19
C GLN A 110 34.90 3.14 17.25
N ALA A 111 35.23 4.43 17.23
CA ALA A 111 34.24 5.50 17.26
C ALA A 111 33.59 5.62 15.87
N ALA A 112 32.34 6.02 15.81
CA ALA A 112 31.63 6.14 14.55
C ALA A 112 32.13 7.35 13.76
N VAL A 113 32.04 7.25 12.43
CA VAL A 113 32.43 8.36 11.56
C VAL A 113 31.12 8.89 10.97
N LEU A 114 30.81 10.13 11.31
CA LEU A 114 29.59 10.78 10.86
C LEU A 114 29.78 11.43 9.50
N PRO A 115 28.69 11.88 8.87
CA PRO A 115 28.89 12.51 7.56
C PRO A 115 29.61 13.86 7.75
N ALA A 116 30.25 14.36 6.70
CA ALA A 116 30.97 15.63 6.80
C ALA A 116 30.10 16.89 6.72
N ASN A 117 28.94 16.77 6.08
CA ASN A 117 28.05 17.91 5.88
C ASN A 117 26.67 17.38 5.56
N ASN A 118 25.76 18.28 5.21
CA ASN A 118 24.43 17.87 4.87
C ASN A 118 24.24 18.08 3.35
N ASN A 119 25.31 17.88 2.58
CA ASN A 119 25.22 18.09 1.13
C ASN A 119 24.66 16.89 0.40
N ASN A 120 24.68 15.75 1.07
CA ASN A 120 24.22 14.50 0.50
C ASN A 120 23.06 13.86 1.27
N ASP A 121 22.00 13.49 0.56
CA ASP A 121 20.84 12.85 1.18
C ASP A 121 20.91 11.34 1.06
N TYR A 122 21.92 10.86 0.35
CA TYR A 122 22.19 9.43 0.16
C TYR A 122 21.16 8.58 -0.57
N ALA A 123 20.11 9.20 -1.10
CA ALA A 123 19.08 8.47 -1.82
C ALA A 123 19.70 7.60 -2.89
N GLY A 124 19.37 6.31 -2.86
CA GLY A 124 19.93 5.42 -3.86
C GLY A 124 21.15 4.65 -3.38
N THR A 125 21.64 4.97 -2.21
CA THR A 125 22.80 4.25 -1.67
C THR A 125 22.36 2.97 -0.96
N THR A 126 23.03 1.87 -1.23
CA THR A 126 22.72 0.61 -0.58
C THR A 126 23.51 0.61 0.72
N CYS A 127 22.81 0.76 1.84
CA CYS A 127 23.44 0.80 3.15
C CYS A 127 23.17 -0.44 3.96
N VAL A 128 23.75 -0.51 5.16
CA VAL A 128 23.58 -1.66 6.05
C VAL A 128 23.01 -1.31 7.41
N ILE A 129 21.94 -2.01 7.79
CA ILE A 129 21.32 -1.81 9.09
C ILE A 129 21.76 -2.98 9.96
N SER A 130 22.18 -2.66 11.18
CA SER A 130 22.68 -3.66 12.10
C SER A 130 21.97 -3.60 13.43
N GLY A 131 21.97 -4.72 14.16
CA GLY A 131 21.31 -4.74 15.47
C GLY A 131 20.83 -6.07 16.05
N TRP A 132 20.46 -6.03 17.34
CA TRP A 132 19.97 -7.22 18.07
C TRP A 132 18.47 -7.14 18.29
N GLY A 133 17.77 -6.42 17.40
CA GLY A 133 16.34 -6.27 17.51
C GLY A 133 15.62 -7.50 17.00
N ARG A 134 14.29 -7.48 17.05
CA ARG A 134 13.49 -8.62 16.60
C ARG A 134 13.79 -8.97 15.17
N THR A 135 13.78 -10.28 14.91
CA THR A 135 14.02 -10.83 13.59
C THR A 135 12.72 -11.42 13.02
N ASP A 136 11.70 -11.54 13.88
CA ASP A 136 10.41 -12.04 13.46
C ASP A 136 9.26 -11.53 14.32
N GLY A 137 8.10 -12.17 14.19
CA GLY A 137 6.91 -11.77 14.95
C GLY A 137 6.93 -12.15 16.42
N THR A 138 7.87 -12.99 16.81
CA THR A 138 7.98 -13.40 18.20
C THR A 138 8.73 -12.31 19.00
N ASN A 139 8.77 -12.48 20.31
CA ASN A 139 9.44 -11.53 21.20
C ASN A 139 10.89 -11.86 21.51
N ASN A 140 11.43 -12.91 20.93
CA ASN A 140 12.82 -13.24 21.19
C ASN A 140 13.78 -12.22 20.53
N LEU A 141 14.99 -12.16 21.04
CA LEU A 141 16.01 -11.25 20.50
C LEU A 141 17.14 -12.13 20.03
N PRO A 142 17.76 -11.80 18.88
CA PRO A 142 18.85 -12.63 18.39
C PRO A 142 20.09 -12.50 19.27
N ASP A 143 20.86 -13.58 19.33
CA ASP A 143 22.06 -13.65 20.13
C ASP A 143 23.22 -12.98 19.40
N ILE A 144 23.36 -13.34 18.13
CA ILE A 144 24.40 -12.78 17.27
C ILE A 144 23.91 -11.54 16.55
N LEU A 145 24.75 -10.51 16.51
CA LEU A 145 24.40 -9.25 15.86
C LEU A 145 23.95 -9.51 14.41
N GLN A 146 22.80 -8.95 14.02
CA GLN A 146 22.28 -9.10 12.64
C GLN A 146 22.64 -7.87 11.78
N LYS A 147 22.59 -8.04 10.47
CA LYS A 147 22.87 -6.92 9.57
C LYS A 147 22.07 -7.15 8.29
N SER A 148 21.79 -6.07 7.57
CA SER A 148 21.01 -6.20 6.35
C SER A 148 21.24 -5.03 5.40
N SER A 149 21.42 -5.35 4.12
CA SER A 149 21.65 -4.32 3.10
C SER A 149 20.30 -3.83 2.59
N ILE A 150 20.08 -2.53 2.68
CA ILE A 150 18.81 -1.95 2.29
C ILE A 150 19.19 -0.56 1.70
N PRO A 151 18.48 -0.09 0.66
CA PRO A 151 18.89 1.22 0.17
C PRO A 151 18.12 2.39 0.74
N VAL A 152 18.74 3.57 0.71
CA VAL A 152 18.09 4.78 1.19
C VAL A 152 17.24 5.29 0.03
N ILE A 153 16.00 5.66 0.33
CA ILE A 153 15.07 6.17 -0.68
C ILE A 153 15.04 7.71 -0.52
N THR A 154 14.45 8.40 -1.48
CA THR A 154 14.36 9.85 -1.38
C THR A 154 13.29 10.21 -0.38
N THR A 155 13.33 11.43 0.16
CA THR A 155 12.32 11.84 1.12
C THR A 155 10.93 11.98 0.52
N ALA A 156 10.86 12.23 -0.78
CA ALA A 156 9.57 12.36 -1.49
C ALA A 156 8.92 10.97 -1.56
N GLN A 157 9.75 9.96 -1.78
CA GLN A 157 9.28 8.59 -1.82
C GLN A 157 8.90 8.17 -0.40
N CYS A 158 9.68 8.58 0.59
CA CYS A 158 9.35 8.20 1.96
C CYS A 158 8.05 8.81 2.47
N THR A 159 7.81 10.07 2.13
CA THR A 159 6.59 10.74 2.55
C THR A 159 5.43 10.11 1.82
N ALA A 160 5.60 9.88 0.52
CA ALA A 160 4.55 9.27 -0.32
C ALA A 160 4.09 7.87 0.13
N ALA A 161 5.02 7.06 0.62
CA ALA A 161 4.67 5.73 1.08
C ALA A 161 3.96 5.74 2.42
N MET A 162 4.10 6.85 3.16
CA MET A 162 3.46 6.97 4.48
C MET A 162 2.12 7.71 4.45
N VAL A 163 1.77 8.24 3.28
CA VAL A 163 0.52 8.98 3.07
C VAL A 163 -0.71 8.19 3.48
N GLY A 164 -0.65 6.87 3.33
CA GLY A 164 -1.80 6.05 3.70
C GLY A 164 -1.76 5.58 5.14
N VAL A 165 -0.71 5.95 5.87
CA VAL A 165 -0.59 5.55 7.27
C VAL A 165 -0.86 6.75 8.18
N GLY A 166 -1.84 6.59 9.06
CA GLY A 166 -2.22 7.65 9.98
C GLY A 166 -1.27 7.85 11.15
N GLY A 167 -0.72 9.05 11.26
CA GLY A 167 0.24 9.36 12.31
C GLY A 167 1.67 9.39 11.80
N ALA A 168 1.87 9.00 10.54
CA ALA A 168 3.19 8.98 9.94
C ALA A 168 3.45 10.31 9.29
N ASN A 169 4.28 11.13 9.94
CA ASN A 169 4.63 12.43 9.40
C ASN A 169 6.11 12.42 9.09
N ILE A 170 6.42 12.52 7.81
CA ILE A 170 7.79 12.51 7.38
C ILE A 170 8.28 13.92 7.07
N TRP A 171 9.56 14.15 7.30
CA TRP A 171 10.17 15.43 6.97
C TRP A 171 11.58 15.18 6.56
N ASP A 172 12.33 16.26 6.36
CA ASP A 172 13.71 16.18 5.91
C ASP A 172 14.76 15.79 6.95
N ASN A 173 14.38 15.80 8.21
CA ASN A 173 15.32 15.42 9.23
C ASN A 173 15.23 13.92 9.47
N HIS A 174 14.42 13.27 8.63
CA HIS A 174 14.24 11.82 8.67
C HIS A 174 15.02 11.26 7.45
N ILE A 175 15.62 10.10 7.59
CA ILE A 175 16.27 9.42 6.44
C ILE A 175 15.68 8.01 6.40
N CYS A 176 15.08 7.67 5.27
CA CYS A 176 14.34 6.40 5.16
C CYS A 176 15.04 5.33 4.37
N VAL A 177 14.67 4.10 4.68
CA VAL A 177 15.25 2.92 4.04
C VAL A 177 14.10 1.96 3.64
N GLN A 178 14.13 1.41 2.42
CA GLN A 178 13.08 0.49 2.01
C GLN A 178 13.49 -0.61 1.07
N ASP A 179 13.16 -1.83 1.46
CA ASP A 179 13.49 -3.01 0.67
C ASP A 179 12.43 -3.21 -0.41
N PRO A 180 12.84 -3.20 -1.69
CA PRO A 180 11.82 -3.40 -2.73
C PRO A 180 11.09 -4.76 -2.61
N ALA A 181 11.74 -5.77 -2.01
CA ALA A 181 11.09 -7.07 -1.86
C ALA A 181 10.11 -7.07 -0.71
N GLY A 182 10.29 -6.11 0.19
CA GLY A 182 9.41 -6.00 1.34
C GLY A 182 9.72 -7.16 2.26
N ASN A 183 11.01 -7.53 2.37
CA ASN A 183 11.42 -8.64 3.23
C ASN A 183 12.30 -8.25 4.43
N THR A 184 13.14 -7.24 4.27
CA THR A 184 14.00 -6.80 5.36
C THR A 184 13.71 -5.38 5.86
N GLY A 185 13.91 -5.18 7.16
CA GLY A 185 13.69 -3.89 7.75
C GLY A 185 14.03 -3.92 9.24
N ALA A 186 13.90 -2.79 9.91
CA ALA A 186 14.18 -2.76 11.33
C ALA A 186 12.95 -3.20 12.13
N CYS A 187 13.20 -3.55 13.38
CA CYS A 187 12.15 -3.97 14.29
C CYS A 187 12.62 -3.54 15.68
N ASN A 188 11.77 -3.78 16.68
CA ASN A 188 12.07 -3.38 18.06
C ASN A 188 13.39 -3.89 18.63
N GLY A 189 14.15 -2.98 19.24
CA GLY A 189 15.44 -3.33 19.81
C GLY A 189 16.55 -2.84 18.91
N ASP A 190 16.17 -2.45 17.69
CA ASP A 190 17.14 -1.96 16.73
C ASP A 190 17.25 -0.47 16.97
N SER A 191 16.19 0.09 17.54
CA SER A 191 16.13 1.52 17.85
C SER A 191 17.42 2.08 18.47
N GLY A 192 17.81 3.27 18.02
CA GLY A 192 18.98 3.91 18.58
C GLY A 192 20.23 3.49 17.84
N GLY A 193 20.10 2.43 17.03
CA GLY A 193 21.20 1.87 16.28
C GLY A 193 21.62 2.64 15.03
N PRO A 194 22.76 2.24 14.42
CA PRO A 194 23.28 2.90 13.22
C PRO A 194 22.80 2.48 11.85
N LEU A 195 22.80 3.45 10.93
CA LEU A 195 22.48 3.18 9.53
C LEU A 195 23.85 3.35 8.85
N ASN A 196 24.52 2.25 8.57
CA ASN A 196 25.88 2.31 8.01
C ASN A 196 25.86 2.41 6.48
N CYS A 197 26.36 3.54 6.00
CA CYS A 197 26.41 3.83 4.56
C CYS A 197 27.79 4.10 4.08
N PRO A 198 28.17 3.52 2.94
CA PRO A 198 29.53 3.74 2.41
C PRO A 198 29.57 5.20 1.91
N ASP A 199 30.53 5.97 2.39
CA ASP A 199 30.65 7.38 2.02
C ASP A 199 32.06 7.84 2.35
N GLY A 200 33.01 7.27 1.62
CA GLY A 200 34.42 7.49 1.89
C GLY A 200 34.72 6.80 3.21
N GLY A 201 34.24 5.57 3.22
CA GLY A 201 34.30 4.68 4.38
C GLY A 201 32.92 4.67 5.02
N THR A 202 32.58 3.58 5.68
CA THR A 202 31.28 3.43 6.33
C THR A 202 31.08 4.47 7.42
N ARG A 203 30.07 5.29 7.17
CA ARG A 203 29.67 6.34 8.09
C ARG A 203 28.28 6.06 8.62
N VAL A 204 28.10 6.44 9.87
CA VAL A 204 26.80 6.33 10.53
C VAL A 204 26.01 7.57 10.13
N VAL A 205 25.10 7.36 9.20
CA VAL A 205 24.31 8.47 8.65
C VAL A 205 22.88 8.51 9.19
N GLY A 206 22.58 7.61 10.11
CA GLY A 206 21.22 7.56 10.67
C GLY A 206 21.17 6.88 12.00
N VAL A 207 20.07 7.14 12.72
CA VAL A 207 19.78 6.58 14.04
C VAL A 207 18.36 6.01 13.96
N THR A 208 18.21 4.70 14.17
CA THR A 208 16.91 4.01 14.14
C THR A 208 15.88 4.67 15.08
N SER A 209 14.77 5.12 14.49
CA SER A 209 13.73 5.80 15.23
C SER A 209 12.43 5.02 15.30
N TRP A 210 11.83 4.80 14.13
CA TRP A 210 10.57 4.06 14.04
C TRP A 210 10.32 3.28 12.72
N VAL A 211 9.41 2.31 12.81
CA VAL A 211 8.98 1.47 11.69
C VAL A 211 7.46 1.33 11.77
N VAL A 212 6.84 0.80 10.72
CA VAL A 212 5.39 0.62 10.70
C VAL A 212 5.07 -0.78 11.26
N SER A 213 4.12 -0.83 12.18
CA SER A 213 3.76 -2.10 12.83
C SER A 213 2.30 -2.48 12.61
N SER A 214 2.03 -3.76 12.41
CA SER A 214 0.65 -4.20 12.24
C SER A 214 -0.17 -4.03 13.54
N GLY A 215 -1.49 -4.13 13.44
CA GLY A 215 -2.34 -4.10 14.63
C GLY A 215 -2.16 -5.31 15.53
N LEU A 216 -1.16 -6.13 15.19
CA LEU A 216 -0.81 -7.33 15.93
C LEU A 216 0.59 -7.20 16.50
N GLY A 217 1.11 -5.99 16.57
CA GLY A 217 2.42 -5.78 17.13
C GLY A 217 3.59 -6.31 16.31
N ALA A 218 3.40 -6.54 15.01
CA ALA A 218 4.52 -7.02 14.18
C ALA A 218 5.10 -5.89 13.32
N CYS A 219 6.38 -5.90 12.99
CA CYS A 219 6.98 -4.84 12.15
C CYS A 219 6.70 -5.12 10.68
N LEU A 220 6.35 -4.09 9.90
CA LEU A 220 6.05 -4.27 8.45
C LEU A 220 7.10 -3.76 7.44
N PRO A 221 8.00 -4.64 6.95
CA PRO A 221 9.05 -4.26 6.00
C PRO A 221 8.60 -3.74 4.64
N ASP A 222 7.30 -3.64 4.39
CA ASP A 222 6.82 -3.12 3.10
C ASP A 222 6.69 -1.61 3.22
N TYR A 223 6.94 -1.14 4.43
CA TYR A 223 6.90 0.27 4.71
C TYR A 223 8.33 0.66 5.06
N PRO A 224 8.70 1.93 4.85
CA PRO A 224 10.07 2.35 5.17
C PRO A 224 10.35 2.34 6.67
N SER A 225 11.58 2.04 6.98
CA SER A 225 12.10 2.10 8.36
C SER A 225 12.65 3.51 8.51
N VAL A 226 12.20 4.23 9.50
CA VAL A 226 12.62 5.63 9.60
C VAL A 226 13.76 5.85 10.60
N TYR A 227 14.79 6.53 10.10
CA TYR A 227 15.99 6.83 10.86
C TYR A 227 16.03 8.33 11.02
N THR A 228 16.84 8.80 11.96
CA THR A 228 16.99 10.24 12.18
C THR A 228 18.19 10.61 11.30
N ARG A 229 18.02 11.64 10.49
CA ARG A 229 19.12 12.07 9.62
C ARG A 229 20.22 12.73 10.44
N VAL A 230 21.33 12.03 10.63
CA VAL A 230 22.47 12.52 11.39
C VAL A 230 23.15 13.77 10.76
N SER A 231 23.24 13.85 9.44
CA SER A 231 23.87 15.01 8.83
C SER A 231 23.10 16.29 9.15
N ALA A 232 21.86 16.14 9.60
CA ALA A 232 21.07 17.32 9.93
C ALA A 232 21.22 17.75 11.40
N TYR A 233 21.97 16.97 12.18
CA TYR A 233 22.17 17.25 13.61
C TYR A 233 23.63 17.43 13.99
N LEU A 234 24.50 17.46 12.99
CA LEU A 234 25.93 17.59 13.20
C LEU A 234 26.34 18.70 14.18
N GLY A 235 25.65 19.83 14.12
CA GLY A 235 25.97 20.92 15.03
C GLY A 235 25.54 20.59 16.42
N TRP A 236 24.29 20.14 16.56
CA TRP A 236 23.75 19.74 17.86
C TRP A 236 24.63 18.65 18.48
N ILE A 237 24.97 17.65 17.67
CA ILE A 237 25.82 16.56 18.13
C ILE A 237 27.12 17.13 18.65
N GLY A 238 27.67 18.10 17.91
CA GLY A 238 28.93 18.70 18.32
C GLY A 238 28.90 19.55 19.59
N ASP A 239 27.76 20.18 19.84
CA ASP A 239 27.63 21.02 21.02
C ASP A 239 27.38 20.21 22.28
N ASN A 240 26.64 19.11 22.15
CA ASN A 240 26.26 18.25 23.28
C ASN A 240 27.12 17.01 23.49
N SER A 241 28.08 16.79 22.60
CA SER A 241 28.97 15.66 22.74
C SER A 241 30.02 16.15 23.74
N VAL B 1 13.07 6.61 -21.38
CA VAL B 1 13.86 6.21 -20.19
C VAL B 1 14.62 7.45 -19.71
N ILE B 2 14.24 7.94 -18.54
CA ILE B 2 14.90 9.09 -17.94
C ILE B 2 16.06 8.52 -17.10
N GLY B 3 17.21 9.15 -17.17
CA GLY B 3 18.31 8.68 -16.37
C GLY B 3 18.87 7.33 -16.77
N GLY B 4 18.67 6.92 -18.01
CA GLY B 4 19.19 5.63 -18.45
C GLY B 4 20.59 5.64 -19.04
N THR B 5 20.94 4.57 -19.73
CA THR B 5 22.23 4.48 -20.38
C THR B 5 22.08 3.81 -21.73
N ASN B 6 23.05 4.02 -22.60
CA ASN B 6 23.05 3.44 -23.93
C ASN B 6 23.05 1.91 -23.91
N ALA B 7 22.06 1.31 -24.57
CA ALA B 7 21.98 -0.14 -24.71
C ALA B 7 22.91 -0.44 -25.91
N SER B 8 23.22 -1.70 -26.16
CA SER B 8 24.10 -2.05 -27.28
C SER B 8 23.28 -2.80 -28.32
N PRO B 9 23.76 -2.86 -29.57
CA PRO B 9 22.97 -3.59 -30.57
C PRO B 9 22.69 -5.03 -30.15
N GLY B 10 21.49 -5.52 -30.44
CA GLY B 10 21.13 -6.89 -30.13
C GLY B 10 21.12 -7.27 -28.68
N GLU B 11 21.01 -6.27 -27.79
CA GLU B 11 20.97 -6.51 -26.36
C GLU B 11 19.57 -6.94 -25.96
N PHE B 12 18.56 -6.40 -26.66
CA PHE B 12 17.17 -6.75 -26.44
C PHE B 12 16.64 -7.05 -27.83
N PRO B 13 16.93 -8.24 -28.37
CA PRO B 13 16.54 -8.73 -29.71
C PRO B 13 15.06 -8.68 -30.03
N TRP B 14 14.23 -8.71 -28.98
CA TRP B 14 12.79 -8.68 -29.12
C TRP B 14 12.24 -7.26 -29.11
N GLN B 15 13.10 -6.29 -28.77
CA GLN B 15 12.69 -4.89 -28.69
C GLN B 15 12.37 -4.31 -30.07
N LEU B 16 11.16 -3.75 -30.19
CA LEU B 16 10.73 -3.16 -31.43
C LEU B 16 10.40 -1.70 -31.26
N SER B 17 10.44 -1.00 -32.38
CA SER B 17 10.06 0.40 -32.41
C SER B 17 8.75 0.36 -33.17
N GLN B 18 7.65 0.72 -32.51
CA GLN B 18 6.38 0.71 -33.21
C GLN B 18 6.21 2.14 -33.72
N GLN B 19 6.09 2.29 -35.02
CA GLN B 19 5.96 3.60 -35.62
C GLN B 19 4.55 3.93 -36.02
N ARG B 20 4.26 5.22 -36.05
CA ARG B 20 2.94 5.68 -36.41
C ARG B 20 3.05 6.74 -37.50
N GLN B 21 2.16 6.65 -38.47
CA GLN B 21 2.16 7.60 -39.57
C GLN B 21 1.18 8.74 -39.34
N SER B 22 1.78 9.81 -38.88
CA SER B 22 1.14 11.11 -38.65
C SER B 22 1.90 12.07 -39.54
N GLY B 23 1.48 12.11 -40.78
CA GLY B 23 2.18 12.87 -41.80
C GLY B 23 3.28 11.96 -42.30
N SER B 24 4.32 11.81 -41.48
CA SER B 24 5.46 10.94 -41.78
C SER B 24 5.57 9.85 -40.70
N TRP B 25 6.40 8.84 -40.93
CA TRP B 25 6.62 7.76 -39.98
C TRP B 25 7.52 8.18 -38.81
N SER B 26 6.99 8.15 -37.59
CA SER B 26 7.76 8.53 -36.41
C SER B 26 7.55 7.50 -35.31
N HIS B 27 8.59 7.30 -34.49
CA HIS B 27 8.51 6.34 -33.39
C HIS B 27 7.38 6.78 -32.47
N SER B 28 6.53 5.84 -32.05
CA SER B 28 5.42 6.19 -31.18
C SER B 28 5.39 5.37 -29.89
N CYS B 29 5.67 4.07 -29.97
CA CYS B 29 5.65 3.19 -28.79
C CYS B 29 6.69 2.10 -29.00
N GLY B 30 6.96 1.34 -27.95
CA GLY B 30 7.86 0.22 -28.08
C GLY B 30 6.94 -0.99 -28.21
N ALA B 31 7.49 -2.18 -28.40
CA ALA B 31 6.67 -3.38 -28.47
C ALA B 31 7.65 -4.55 -28.36
N SER B 32 7.18 -5.76 -28.11
CA SER B 32 8.08 -6.91 -28.01
C SER B 32 7.65 -7.96 -29.02
N LEU B 33 8.61 -8.53 -29.71
CA LEU B 33 8.28 -9.54 -30.69
C LEU B 33 7.93 -10.86 -29.98
N LEU B 34 6.75 -11.41 -30.27
CA LEU B 34 6.28 -12.67 -29.68
C LEU B 34 6.62 -13.86 -30.58
N SER B 35 6.55 -13.61 -31.89
CA SER B 35 6.90 -14.60 -32.90
C SER B 35 7.33 -13.83 -34.14
N SER B 36 7.16 -14.39 -35.31
CA SER B 36 7.58 -13.69 -36.49
C SER B 36 6.37 -13.10 -37.18
N THR B 37 5.21 -13.27 -36.56
CA THR B 37 4.00 -12.71 -37.12
C THR B 37 3.24 -12.03 -36.02
N SER B 38 3.81 -11.98 -34.83
CA SER B 38 3.12 -11.40 -33.68
C SER B 38 3.97 -10.51 -32.81
N ALA B 39 3.33 -9.56 -32.14
CA ALA B 39 4.07 -8.68 -31.26
C ALA B 39 3.21 -8.30 -30.07
N LEU B 40 3.85 -7.93 -28.97
CA LEU B 40 3.13 -7.54 -27.76
C LEU B 40 3.23 -6.04 -27.53
N SER B 41 2.11 -5.38 -27.22
CA SER B 41 2.14 -3.94 -26.99
C SER B 41 1.09 -3.50 -25.98
N ALA B 42 0.86 -2.20 -25.89
CA ALA B 42 -0.13 -1.67 -24.96
C ALA B 42 -1.36 -1.28 -25.75
N SER B 43 -2.52 -1.48 -25.15
CA SER B 43 -3.77 -1.16 -25.80
C SER B 43 -3.89 0.35 -26.08
N HIS B 44 -3.38 1.17 -25.16
CA HIS B 44 -3.44 2.61 -25.32
C HIS B 44 -2.51 3.08 -26.43
N CYS B 45 -1.67 2.18 -26.92
CA CYS B 45 -0.77 2.54 -27.99
C CYS B 45 -1.51 2.50 -29.33
N VAL B 46 -2.40 1.52 -29.48
CA VAL B 46 -3.10 1.31 -30.74
C VAL B 46 -4.53 1.82 -30.78
N ASP B 47 -5.05 2.20 -29.62
CA ASP B 47 -6.42 2.69 -29.46
C ASP B 47 -6.82 3.88 -30.36
N GLY B 48 -7.63 3.58 -31.37
CA GLY B 48 -8.09 4.60 -32.30
C GLY B 48 -7.14 4.88 -33.47
N VAL B 49 -6.18 4.00 -33.70
CA VAL B 49 -5.21 4.20 -34.78
C VAL B 49 -5.46 3.16 -35.83
N LEU B 50 -5.58 3.57 -37.09
CA LEU B 50 -5.84 2.63 -38.15
C LEU B 50 -4.61 1.77 -38.35
N PRO B 51 -4.81 0.46 -38.48
CA PRO B 51 -3.68 -0.45 -38.66
C PRO B 51 -2.76 -0.10 -39.80
N ASN B 52 -3.28 0.58 -40.81
CA ASN B 52 -2.46 0.96 -41.95
C ASN B 52 -1.49 2.10 -41.61
N ASN B 53 -1.67 2.68 -40.43
CA ASN B 53 -0.81 3.76 -39.96
C ASN B 53 0.15 3.29 -38.86
N ILE B 54 0.32 1.98 -38.74
CA ILE B 54 1.19 1.39 -37.74
C ILE B 54 2.17 0.44 -38.41
N ARG B 55 3.41 0.45 -37.95
CA ARG B 55 4.41 -0.48 -38.43
C ARG B 55 5.46 -0.62 -37.34
N VAL B 56 6.20 -1.72 -37.37
CA VAL B 56 7.23 -1.99 -36.39
C VAL B 56 8.56 -2.22 -37.12
N ILE B 57 9.65 -1.96 -36.41
CA ILE B 57 10.99 -2.14 -36.97
C ILE B 57 11.76 -3.06 -36.02
N ALA B 58 12.29 -4.16 -36.57
CA ALA B 58 13.02 -5.14 -35.79
C ALA B 58 14.50 -5.00 -36.03
N GLY B 59 15.29 -5.24 -34.99
CA GLY B 59 16.72 -5.13 -35.15
C GLY B 59 17.29 -3.72 -35.12
N LEU B 60 16.50 -2.74 -34.71
CA LEU B 60 16.97 -1.36 -34.66
C LEU B 60 17.74 -1.10 -33.39
N TRP B 61 18.79 -0.28 -33.48
CA TRP B 61 19.59 0.13 -32.31
C TRP B 61 19.52 1.66 -32.21
N GLN B 62 19.88 2.35 -33.30
CA GLN B 62 19.80 3.81 -33.29
C GLN B 62 18.85 4.18 -34.41
N GLN B 63 17.86 5.02 -34.12
CA GLN B 63 16.87 5.38 -35.12
C GLN B 63 17.37 5.93 -36.46
N SER B 64 18.54 6.57 -36.45
CA SER B 64 19.11 7.15 -37.66
C SER B 64 19.66 6.15 -38.65
N ASP B 65 19.79 4.89 -38.22
CA ASP B 65 20.31 3.84 -39.08
C ASP B 65 19.43 2.62 -39.16
N THR B 66 18.67 2.50 -40.25
CA THR B 66 17.77 1.37 -40.45
C THR B 66 18.30 0.20 -41.27
N SER B 67 19.61 0.14 -41.51
CA SER B 67 20.20 -0.97 -42.27
C SER B 67 20.44 -2.19 -41.36
N GLY B 68 20.18 -3.40 -41.90
CA GLY B 68 20.32 -4.63 -41.15
C GLY B 68 19.16 -4.72 -40.17
N THR B 69 18.06 -4.12 -40.61
CA THR B 69 16.83 -3.98 -39.86
C THR B 69 15.66 -4.60 -40.67
N GLN B 70 14.54 -4.92 -40.00
CA GLN B 70 13.35 -5.45 -40.69
C GLN B 70 12.13 -4.67 -40.30
N THR B 71 11.33 -4.31 -41.29
CA THR B 71 10.13 -3.52 -41.07
C THR B 71 8.90 -4.31 -41.46
N ALA B 72 7.86 -4.24 -40.66
CA ALA B 72 6.63 -4.95 -40.99
C ALA B 72 5.46 -4.05 -40.66
N ASN B 73 4.46 -4.05 -41.54
CA ASN B 73 3.27 -3.27 -41.31
C ASN B 73 2.33 -4.14 -40.47
N VAL B 74 1.46 -3.47 -39.73
CA VAL B 74 0.50 -4.15 -38.90
C VAL B 74 -0.75 -4.39 -39.71
N ASP B 75 -1.10 -5.65 -39.83
CA ASP B 75 -2.27 -6.01 -40.58
C ASP B 75 -3.53 -5.74 -39.80
N SER B 76 -3.47 -5.95 -38.49
CA SER B 76 -4.59 -5.74 -37.59
C SER B 76 -4.04 -5.94 -36.21
N TYR B 77 -4.82 -5.59 -35.20
CA TYR B 77 -4.40 -5.81 -33.84
C TYR B 77 -5.59 -6.25 -32.99
N THR B 78 -5.30 -6.79 -31.81
CA THR B 78 -6.32 -7.25 -30.90
C THR B 78 -6.16 -6.59 -29.54
N MET B 79 -6.99 -5.60 -29.25
CA MET B 79 -6.95 -4.92 -27.97
C MET B 79 -7.68 -5.83 -26.99
N HIS B 80 -7.28 -5.77 -25.73
CA HIS B 80 -7.92 -6.57 -24.72
C HIS B 80 -9.36 -6.10 -24.57
N GLU B 81 -10.29 -7.05 -24.50
CA GLU B 81 -11.73 -6.77 -24.35
C GLU B 81 -12.12 -5.89 -23.18
N ASN B 82 -11.39 -6.00 -22.09
CA ASN B 82 -11.71 -5.21 -20.91
C ASN B 82 -10.75 -4.07 -20.70
N TYR B 83 -10.12 -3.59 -21.76
CA TYR B 83 -9.21 -2.47 -21.65
C TYR B 83 -10.05 -1.32 -21.10
N GLY B 84 -9.58 -0.73 -20.00
CA GLY B 84 -10.27 0.40 -19.41
C GLY B 84 -11.50 0.11 -18.58
N ALA B 85 -11.66 -1.14 -18.14
CA ALA B 85 -12.80 -1.52 -17.33
C ALA B 85 -12.39 -1.63 -15.87
N GLY B 86 -13.30 -1.26 -14.97
CA GLY B 86 -13.02 -1.33 -13.54
C GLY B 86 -12.57 -0.01 -12.95
N THR B 87 -11.87 -0.07 -11.82
CA THR B 87 -11.39 1.16 -11.19
C THR B 87 -9.91 1.37 -11.45
N ALA B 88 -9.21 0.29 -11.76
CA ALA B 88 -7.77 0.35 -12.00
C ALA B 88 -7.44 1.22 -13.20
N SER B 89 -6.45 2.09 -13.05
CA SER B 89 -6.03 2.98 -14.14
C SER B 89 -5.44 2.17 -15.32
N TYR B 90 -5.90 2.45 -16.52
CA TYR B 90 -5.49 1.78 -17.77
C TYR B 90 -5.49 0.29 -17.59
N SER B 91 -6.51 -0.20 -16.92
CA SER B 91 -6.68 -1.61 -16.63
C SER B 91 -6.67 -2.43 -17.90
N ASN B 92 -6.01 -3.58 -17.85
CA ASN B 92 -5.87 -4.48 -18.98
C ASN B 92 -5.32 -3.83 -20.23
N ASP B 93 -4.25 -3.05 -20.05
CA ASP B 93 -3.52 -2.37 -21.15
C ASP B 93 -2.54 -3.32 -21.81
N ILE B 94 -3.06 -4.07 -22.77
CA ILE B 94 -2.28 -5.08 -23.45
C ILE B 94 -2.93 -5.26 -24.82
N ALA B 95 -2.13 -5.62 -25.83
CA ALA B 95 -2.66 -5.79 -27.17
C ALA B 95 -1.76 -6.67 -27.98
N ILE B 96 -2.32 -7.30 -29.02
CA ILE B 96 -1.53 -8.15 -29.91
C ILE B 96 -1.60 -7.49 -31.27
N LEU B 97 -0.43 -7.32 -31.89
CA LEU B 97 -0.29 -6.74 -33.21
C LEU B 97 -0.07 -7.89 -34.17
N HIS B 98 -0.93 -8.02 -35.17
CA HIS B 98 -0.79 -9.08 -36.16
C HIS B 98 -0.10 -8.49 -37.38
N LEU B 99 1.07 -9.01 -37.70
CA LEU B 99 1.85 -8.49 -38.81
C LEU B 99 1.40 -8.88 -40.18
N ALA B 100 1.50 -7.92 -41.10
CA ALA B 100 1.15 -8.07 -42.49
C ALA B 100 2.17 -8.96 -43.17
N THR B 101 3.38 -9.02 -42.62
CA THR B 101 4.43 -9.87 -43.18
C THR B 101 5.22 -10.56 -42.08
N SER B 102 6.00 -11.58 -42.43
CA SER B 102 6.79 -12.25 -41.43
C SER B 102 8.11 -11.52 -41.26
N ILE B 103 8.68 -11.63 -40.05
CA ILE B 103 9.94 -11.05 -39.71
C ILE B 103 10.81 -12.28 -39.52
N SER B 104 11.91 -12.35 -40.26
CA SER B 104 12.84 -13.46 -40.16
C SER B 104 13.60 -13.40 -38.83
N LEU B 105 13.38 -14.40 -37.99
CA LEU B 105 14.03 -14.40 -36.70
C LEU B 105 15.54 -14.58 -36.83
N GLY B 106 16.21 -13.46 -37.09
CA GLY B 106 17.65 -13.40 -37.26
C GLY B 106 18.45 -13.69 -36.01
N GLY B 107 19.54 -12.96 -35.83
CA GLY B 107 20.39 -13.13 -34.65
C GLY B 107 20.13 -12.03 -33.64
N ASN B 108 20.14 -10.79 -34.11
CA ASN B 108 19.88 -9.60 -33.29
C ASN B 108 18.39 -9.42 -33.11
N ILE B 109 17.64 -10.22 -33.86
CA ILE B 109 16.17 -10.22 -33.83
C ILE B 109 15.75 -11.59 -33.28
N GLN B 110 14.99 -11.58 -32.21
CA GLN B 110 14.59 -12.82 -31.59
C GLN B 110 13.25 -12.63 -30.92
N ALA B 111 12.54 -13.72 -30.65
CA ALA B 111 11.25 -13.64 -29.99
C ALA B 111 11.48 -13.60 -28.50
N ALA B 112 10.64 -12.86 -27.78
CA ALA B 112 10.79 -12.77 -26.33
C ALA B 112 10.33 -14.02 -25.60
N VAL B 113 10.92 -14.27 -24.43
CA VAL B 113 10.53 -15.41 -23.62
C VAL B 113 9.70 -14.84 -22.47
N LEU B 114 8.51 -15.38 -22.28
CA LEU B 114 7.59 -14.92 -21.24
C LEU B 114 7.71 -15.75 -19.99
N PRO B 115 7.15 -15.25 -18.86
CA PRO B 115 7.18 -15.99 -17.60
C PRO B 115 6.45 -17.31 -17.87
N ALA B 116 6.79 -18.36 -17.14
CA ALA B 116 6.13 -19.65 -17.34
C ALA B 116 4.81 -19.79 -16.62
N ASN B 117 4.61 -19.02 -15.56
CA ASN B 117 3.38 -19.12 -14.81
C ASN B 117 3.29 -17.87 -13.99
N ASN B 118 2.29 -17.80 -13.14
CA ASN B 118 2.10 -16.64 -12.31
C ASN B 118 2.45 -16.88 -10.83
N ASN B 119 3.28 -17.87 -10.54
CA ASN B 119 3.80 -18.07 -9.16
C ASN B 119 4.69 -16.98 -8.52
N ASN B 120 5.45 -16.29 -9.37
CA ASN B 120 6.39 -15.26 -8.92
C ASN B 120 5.96 -13.85 -9.37
N ASP B 121 6.01 -12.92 -8.42
CA ASP B 121 5.63 -11.51 -8.68
C ASP B 121 6.88 -10.64 -8.92
N TYR B 122 8.03 -11.29 -8.81
CA TYR B 122 9.35 -10.69 -9.13
C TYR B 122 9.75 -9.51 -8.22
N ALA B 123 8.97 -9.26 -7.18
CA ALA B 123 9.28 -8.16 -6.25
C ALA B 123 10.69 -8.33 -5.66
N GLY B 124 11.51 -7.31 -5.88
CA GLY B 124 12.88 -7.28 -5.35
C GLY B 124 13.90 -7.60 -6.40
N THR B 125 13.46 -8.14 -7.52
CA THR B 125 14.37 -8.48 -8.62
C THR B 125 14.74 -7.19 -9.37
N THR B 126 16.03 -7.05 -9.69
CA THR B 126 16.47 -5.87 -10.42
C THR B 126 16.38 -6.20 -11.90
N CYS B 127 15.51 -5.47 -12.59
CA CYS B 127 15.27 -5.67 -14.01
C CYS B 127 15.75 -4.50 -14.84
N VAL B 128 15.59 -4.61 -16.16
CA VAL B 128 16.01 -3.56 -17.06
C VAL B 128 14.86 -3.06 -17.93
N ILE B 129 14.60 -1.75 -17.90
CA ILE B 129 13.56 -1.19 -18.77
C ILE B 129 14.32 -0.59 -19.98
N SER B 130 13.71 -0.71 -21.15
CA SER B 130 14.33 -0.20 -22.37
C SER B 130 13.32 0.55 -23.26
N GLY B 131 13.83 1.44 -24.11
CA GLY B 131 12.95 2.18 -24.99
C GLY B 131 13.61 3.35 -25.68
N TRP B 132 12.86 4.00 -26.57
CA TRP B 132 13.32 5.16 -27.34
C TRP B 132 12.45 6.34 -26.92
N GLY B 133 11.95 6.31 -25.69
CA GLY B 133 11.11 7.38 -25.24
C GLY B 133 11.92 8.56 -24.73
N ARG B 134 11.24 9.60 -24.28
CA ARG B 134 11.89 10.80 -23.79
C ARG B 134 12.88 10.49 -22.69
N THR B 135 13.97 11.25 -22.67
CA THR B 135 15.05 11.10 -21.68
C THR B 135 15.09 12.31 -20.76
N ASP B 136 14.37 13.36 -21.12
CA ASP B 136 14.31 14.59 -20.31
C ASP B 136 12.92 15.20 -20.39
N GLY B 137 12.81 16.48 -20.03
CA GLY B 137 11.53 17.15 -20.06
C GLY B 137 11.15 17.75 -21.40
N THR B 138 12.01 17.57 -22.40
CA THR B 138 11.77 18.06 -23.75
C THR B 138 11.05 16.97 -24.53
N ASN B 139 10.60 17.30 -25.74
CA ASN B 139 9.92 16.32 -26.55
C ASN B 139 10.82 15.63 -27.57
N ASN B 140 12.13 15.74 -27.38
CA ASN B 140 13.06 15.09 -28.28
C ASN B 140 13.08 13.63 -27.91
N LEU B 141 13.43 12.80 -28.89
CA LEU B 141 13.50 11.37 -28.67
C LEU B 141 14.92 10.98 -28.94
N PRO B 142 15.46 10.09 -28.11
CA PRO B 142 16.84 9.67 -28.31
C PRO B 142 16.99 8.85 -29.57
N ASP B 143 18.17 8.94 -30.15
CA ASP B 143 18.50 8.22 -31.37
C ASP B 143 18.89 6.78 -30.99
N ILE B 144 19.72 6.65 -29.96
CA ILE B 144 20.15 5.32 -29.52
C ILE B 144 19.24 4.75 -28.41
N LEU B 145 18.95 3.47 -28.51
CA LEU B 145 18.14 2.73 -27.55
C LEU B 145 18.63 2.90 -26.11
N GLN B 146 17.77 3.38 -25.20
CA GLN B 146 18.14 3.57 -23.81
C GLN B 146 17.73 2.40 -22.90
N LYS B 147 18.47 2.19 -21.84
CA LYS B 147 18.13 1.11 -20.89
C LYS B 147 18.48 1.57 -19.47
N SER B 148 17.82 0.99 -18.47
CA SER B 148 18.10 1.32 -17.07
C SER B 148 17.78 0.15 -16.13
N SER B 149 18.66 -0.08 -15.16
CA SER B 149 18.49 -1.12 -14.16
C SER B 149 17.65 -0.50 -13.05
N ILE B 150 16.56 -1.15 -12.70
CA ILE B 150 15.63 -0.63 -11.68
C ILE B 150 14.90 -1.86 -11.10
N PRO B 151 14.60 -1.86 -9.80
CA PRO B 151 13.91 -3.02 -9.19
C PRO B 151 12.39 -3.09 -9.23
N VAL B 152 11.86 -4.31 -9.22
CA VAL B 152 10.42 -4.46 -9.19
C VAL B 152 10.05 -4.32 -7.71
N ILE B 153 8.94 -3.67 -7.41
CA ILE B 153 8.52 -3.53 -6.02
C ILE B 153 7.21 -4.29 -5.78
N THR B 154 6.92 -4.61 -4.53
CA THR B 154 5.67 -5.31 -4.22
C THR B 154 4.46 -4.44 -4.57
N THR B 155 3.32 -5.09 -4.79
CA THR B 155 2.05 -4.42 -5.10
C THR B 155 1.60 -3.54 -3.92
N ALA B 156 1.90 -3.97 -2.69
CA ALA B 156 1.51 -3.22 -1.49
C ALA B 156 2.25 -1.89 -1.49
N GLN B 157 3.51 -1.94 -1.90
CA GLN B 157 4.35 -0.74 -1.99
C GLN B 157 3.90 0.14 -3.15
N CYS B 158 3.56 -0.47 -4.29
CA CYS B 158 3.13 0.32 -5.43
C CYS B 158 1.82 1.04 -5.13
N THR B 159 0.96 0.36 -4.39
CA THR B 159 -0.35 0.85 -3.94
C THR B 159 -0.16 2.03 -2.97
N ALA B 160 0.76 1.87 -2.02
CA ALA B 160 1.08 2.86 -0.99
C ALA B 160 1.60 4.19 -1.50
N ALA B 161 2.44 4.10 -2.53
CA ALA B 161 3.07 5.25 -3.17
C ALA B 161 2.11 6.06 -4.06
N MET B 162 1.09 5.40 -4.60
CA MET B 162 0.13 6.08 -5.46
C MET B 162 -1.05 6.63 -4.69
N VAL B 163 -1.16 6.31 -3.40
CA VAL B 163 -2.29 6.80 -2.62
C VAL B 163 -2.41 8.30 -2.74
N GLY B 164 -1.27 8.98 -2.65
CA GLY B 164 -1.30 10.42 -2.72
C GLY B 164 -1.50 11.00 -4.10
N VAL B 165 -1.41 10.18 -5.14
CA VAL B 165 -1.58 10.66 -6.51
C VAL B 165 -3.04 10.62 -6.98
N GLY B 166 -3.60 11.79 -7.33
CA GLY B 166 -4.98 11.85 -7.78
C GLY B 166 -5.23 11.07 -9.08
N GLY B 167 -6.27 10.25 -9.08
CA GLY B 167 -6.57 9.47 -10.27
C GLY B 167 -5.88 8.12 -10.33
N ALA B 168 -4.82 7.94 -9.54
CA ALA B 168 -4.07 6.68 -9.53
C ALA B 168 -4.75 5.51 -8.82
N ASN B 169 -4.98 4.42 -9.54
CA ASN B 169 -5.59 3.22 -8.98
C ASN B 169 -4.79 2.01 -9.45
N ILE B 170 -4.02 1.44 -8.52
CA ILE B 170 -3.14 0.28 -8.73
C ILE B 170 -3.83 -1.03 -8.34
N TRP B 171 -3.67 -2.05 -9.18
CA TRP B 171 -4.23 -3.38 -8.85
C TRP B 171 -3.19 -4.47 -9.10
N ASP B 172 -3.62 -5.67 -8.79
CA ASP B 172 -2.79 -6.86 -8.89
C ASP B 172 -2.15 -7.19 -10.24
N ASN B 173 -2.77 -6.77 -11.33
CA ASN B 173 -2.25 -7.05 -12.64
C ASN B 173 -1.31 -6.00 -13.21
N HIS B 174 -0.92 -5.07 -12.33
CA HIS B 174 0.04 -4.02 -12.66
C HIS B 174 1.32 -4.53 -12.05
N ILE B 175 2.45 -4.38 -12.71
CA ILE B 175 3.73 -4.75 -12.09
C ILE B 175 4.48 -3.41 -12.06
N CYS B 176 4.95 -3.01 -10.89
CA CYS B 176 5.63 -1.74 -10.73
C CYS B 176 7.12 -1.81 -10.60
N VAL B 177 7.72 -0.67 -10.83
CA VAL B 177 9.16 -0.54 -10.81
C VAL B 177 9.51 0.84 -10.20
N GLN B 178 10.45 0.91 -9.27
CA GLN B 178 10.78 2.22 -8.68
C GLN B 178 12.23 2.40 -8.29
N ASP B 179 12.81 3.53 -8.69
CA ASP B 179 14.21 3.84 -8.37
C ASP B 179 14.30 4.54 -7.02
N PRO B 180 15.01 3.91 -6.06
CA PRO B 180 15.15 4.51 -4.72
C PRO B 180 15.83 5.89 -4.72
N ALA B 181 16.65 6.13 -5.74
CA ALA B 181 17.37 7.38 -5.93
C ALA B 181 16.42 8.39 -6.56
N GLY B 182 15.36 7.89 -7.18
CA GLY B 182 14.40 8.76 -7.84
C GLY B 182 14.97 9.44 -9.09
N ASN B 183 15.88 8.78 -9.80
CA ASN B 183 16.53 9.34 -10.99
C ASN B 183 16.12 8.78 -12.34
N THR B 184 15.65 7.54 -12.35
CA THR B 184 15.30 6.91 -13.59
C THR B 184 13.91 6.27 -13.59
N GLY B 185 13.26 6.28 -14.75
CA GLY B 185 11.94 5.69 -14.82
C GLY B 185 11.54 5.68 -16.26
N ALA B 186 10.32 5.26 -16.58
CA ALA B 186 9.88 5.26 -17.96
C ALA B 186 9.25 6.62 -18.30
N CYS B 187 9.13 6.93 -19.59
CA CYS B 187 8.50 8.18 -20.00
C CYS B 187 7.80 7.95 -21.34
N ASN B 188 7.08 8.96 -21.85
CA ASN B 188 6.36 8.86 -23.13
C ASN B 188 7.23 8.34 -24.24
N GLY B 189 6.71 7.40 -25.01
CA GLY B 189 7.49 6.80 -26.08
C GLY B 189 8.01 5.45 -25.66
N ASP B 190 8.00 5.19 -24.35
CA ASP B 190 8.47 3.90 -23.87
C ASP B 190 7.32 2.90 -23.77
N SER B 191 6.09 3.43 -23.73
CA SER B 191 4.85 2.65 -23.68
C SER B 191 4.88 1.42 -24.61
N GLY B 192 4.27 0.32 -24.19
CA GLY B 192 4.23 -0.88 -25.01
C GLY B 192 5.48 -1.76 -24.99
N GLY B 193 6.60 -1.16 -24.63
CA GLY B 193 7.86 -1.88 -24.58
C GLY B 193 7.99 -2.81 -23.37
N PRO B 194 9.05 -3.64 -23.36
CA PRO B 194 9.31 -4.61 -22.28
C PRO B 194 9.93 -4.11 -21.00
N LEU B 195 9.65 -4.93 -19.99
CA LEU B 195 10.27 -4.89 -18.65
C LEU B 195 11.03 -6.21 -18.59
N ASN B 196 12.33 -6.11 -18.76
CA ASN B 196 13.18 -7.30 -18.97
C ASN B 196 13.77 -7.79 -17.64
N CYS B 197 13.33 -8.95 -17.17
CA CYS B 197 13.84 -9.49 -15.88
C CYS B 197 14.58 -10.81 -15.97
N PRO B 198 15.59 -10.98 -15.10
CA PRO B 198 16.38 -12.23 -15.04
C PRO B 198 15.47 -13.27 -14.38
N ASP B 199 15.21 -14.36 -15.07
CA ASP B 199 14.32 -15.39 -14.54
C ASP B 199 14.57 -16.69 -15.31
N GLY B 200 15.73 -17.27 -15.08
CA GLY B 200 16.16 -18.48 -15.80
C GLY B 200 16.35 -18.09 -17.26
N GLY B 201 16.98 -16.95 -17.37
CA GLY B 201 17.21 -16.27 -18.64
C GLY B 201 16.37 -15.01 -18.61
N THR B 202 16.69 -14.07 -19.46
CA THR B 202 15.96 -12.81 -19.50
C THR B 202 14.57 -13.00 -20.07
N ARG B 203 13.55 -12.56 -19.33
CA ARG B 203 12.18 -12.67 -19.82
C ARG B 203 11.48 -11.32 -19.85
N VAL B 204 10.45 -11.22 -20.69
CA VAL B 204 9.66 -10.00 -20.76
C VAL B 204 8.52 -10.22 -19.78
N VAL B 205 8.60 -9.58 -18.61
CA VAL B 205 7.57 -9.73 -17.59
C VAL B 205 6.62 -8.55 -17.48
N GLY B 206 6.84 -7.52 -18.29
CA GLY B 206 5.96 -6.37 -18.25
C GLY B 206 5.88 -5.65 -19.58
N VAL B 207 4.81 -4.87 -19.76
CA VAL B 207 4.53 -4.04 -20.94
C VAL B 207 4.29 -2.63 -20.40
N THR B 208 5.16 -1.68 -20.78
CA THR B 208 5.02 -0.29 -20.30
C THR B 208 3.62 0.25 -20.53
N SER B 209 3.04 0.80 -19.48
CA SER B 209 1.70 1.34 -19.50
C SER B 209 1.62 2.82 -19.14
N TRP B 210 1.92 3.19 -17.90
CA TRP B 210 1.87 4.58 -17.51
C TRP B 210 2.84 4.93 -16.37
N VAL B 211 3.05 6.24 -16.27
CA VAL B 211 3.92 6.86 -15.25
C VAL B 211 3.20 8.10 -14.72
N VAL B 212 3.75 8.66 -13.66
CA VAL B 212 3.21 9.89 -13.06
C VAL B 212 3.98 11.08 -13.68
N SER B 213 3.24 12.08 -14.15
CA SER B 213 3.86 13.24 -14.79
C SER B 213 3.55 14.58 -14.12
N SER B 214 4.55 15.45 -14.16
CA SER B 214 4.47 16.77 -13.57
C SER B 214 3.41 17.63 -14.20
N GLY B 215 3.30 18.84 -13.68
CA GLY B 215 2.33 19.79 -14.19
C GLY B 215 2.64 20.20 -15.62
N LEU B 216 3.91 20.06 -15.99
CA LEU B 216 4.29 20.40 -17.35
C LEU B 216 4.71 19.20 -18.20
N GLY B 217 3.97 18.08 -18.09
CA GLY B 217 4.18 16.85 -18.89
C GLY B 217 5.50 16.09 -18.66
N ALA B 218 6.18 16.41 -17.53
CA ALA B 218 7.45 15.77 -17.20
C ALA B 218 7.23 14.54 -16.31
N CYS B 219 7.85 13.45 -16.72
CA CYS B 219 7.74 12.19 -16.01
C CYS B 219 8.43 12.31 -14.68
N LEU B 220 7.79 11.80 -13.64
CA LEU B 220 8.36 11.85 -12.29
C LEU B 220 8.83 10.47 -11.73
N PRO B 221 10.14 10.18 -11.79
CA PRO B 221 10.79 8.95 -11.30
C PRO B 221 10.73 8.65 -9.80
N ASP B 222 10.22 9.61 -9.01
CA ASP B 222 10.06 9.43 -7.56
C ASP B 222 8.75 8.69 -7.35
N TYR B 223 8.08 8.39 -8.46
CA TYR B 223 6.83 7.65 -8.42
C TYR B 223 7.05 6.44 -9.31
N PRO B 224 6.54 5.26 -8.99
CA PRO B 224 6.81 4.09 -9.80
C PRO B 224 6.33 4.24 -11.21
N SER B 225 6.93 3.38 -12.03
CA SER B 225 6.58 3.21 -13.45
C SER B 225 5.67 1.98 -13.48
N VAL B 226 4.53 2.13 -14.09
CA VAL B 226 3.54 1.05 -14.07
C VAL B 226 3.50 0.25 -15.36
N TYR B 227 3.71 -1.05 -15.23
CA TYR B 227 3.70 -1.96 -16.38
C TYR B 227 2.54 -2.94 -16.21
N THR B 228 2.07 -3.51 -17.31
CA THR B 228 1.02 -4.53 -17.28
C THR B 228 1.76 -5.81 -16.91
N ARG B 229 1.26 -6.51 -15.89
CA ARG B 229 1.84 -7.77 -15.41
C ARG B 229 1.55 -8.85 -16.45
N VAL B 230 2.53 -9.18 -17.26
CA VAL B 230 2.38 -10.21 -18.29
C VAL B 230 2.03 -11.61 -17.76
N SER B 231 2.64 -12.04 -16.66
CA SER B 231 2.34 -13.38 -16.14
C SER B 231 0.88 -13.54 -15.79
N ALA B 232 0.15 -12.44 -15.65
CA ALA B 232 -1.28 -12.49 -15.35
C ALA B 232 -2.19 -12.52 -16.58
N TYR B 233 -1.62 -12.65 -17.78
CA TYR B 233 -2.39 -12.66 -19.05
C TYR B 233 -1.84 -13.71 -20.01
N LEU B 234 -1.17 -14.71 -19.48
CA LEU B 234 -0.57 -15.77 -20.30
C LEU B 234 -1.59 -16.53 -21.15
N GLY B 235 -2.79 -16.72 -20.59
CA GLY B 235 -3.85 -17.40 -21.31
C GLY B 235 -4.33 -16.54 -22.45
N TRP B 236 -4.63 -15.28 -22.14
CA TRP B 236 -5.09 -14.29 -23.13
C TRP B 236 -4.10 -14.13 -24.28
N ILE B 237 -2.80 -14.14 -23.97
CA ILE B 237 -1.80 -14.00 -25.02
C ILE B 237 -1.84 -15.25 -25.90
N GLY B 238 -1.83 -16.43 -25.30
CA GLY B 238 -1.87 -17.66 -26.07
C GLY B 238 -3.16 -17.86 -26.85
N ASP B 239 -4.23 -17.19 -26.43
CA ASP B 239 -5.53 -17.29 -27.07
C ASP B 239 -5.70 -16.25 -28.20
N ASN B 240 -4.82 -15.26 -28.26
CA ASN B 240 -4.95 -14.24 -29.30
C ASN B 240 -3.76 -14.11 -30.22
N SER B 241 -2.71 -14.85 -29.90
CA SER B 241 -1.49 -14.86 -30.69
C SER B 241 -1.47 -16.12 -31.52
N VAL C 1 -21.06 -6.13 14.97
CA VAL C 1 -19.85 -5.28 15.06
C VAL C 1 -18.77 -5.90 15.94
N ILE C 2 -17.66 -6.26 15.32
CA ILE C 2 -16.55 -6.84 16.07
C ILE C 2 -15.75 -5.69 16.64
N GLY C 3 -15.29 -5.84 17.88
CA GLY C 3 -14.47 -4.81 18.52
C GLY C 3 -15.10 -3.48 18.91
N GLY C 4 -16.43 -3.43 19.02
CA GLY C 4 -17.10 -2.17 19.38
C GLY C 4 -17.47 -2.03 20.84
N THR C 5 -18.28 -1.01 21.14
CA THR C 5 -18.72 -0.76 22.50
C THR C 5 -20.25 -0.64 22.52
N ASN C 6 -20.83 -0.73 23.71
CA ASN C 6 -22.28 -0.63 23.85
C ASN C 6 -22.80 0.76 23.49
N ALA C 7 -23.90 0.82 22.76
CA ALA C 7 -24.48 2.09 22.40
C ALA C 7 -25.46 2.43 23.52
N SER C 8 -25.95 3.66 23.57
CA SER C 8 -26.91 4.03 24.60
C SER C 8 -28.30 4.03 23.98
N PRO C 9 -29.35 3.97 24.82
CA PRO C 9 -30.69 3.97 24.24
C PRO C 9 -30.96 5.27 23.44
N GLY C 10 -31.55 5.16 22.26
CA GLY C 10 -31.88 6.34 21.48
C GLY C 10 -30.72 7.13 20.92
N GLU C 11 -29.57 6.47 20.79
CA GLU C 11 -28.39 7.13 20.30
C GLU C 11 -28.36 7.15 18.76
N PHE C 12 -28.94 6.10 18.21
CA PHE C 12 -29.12 5.94 16.76
C PHE C 12 -30.61 5.66 16.55
N PRO C 13 -31.44 6.70 16.72
CA PRO C 13 -32.89 6.56 16.70
C PRO C 13 -33.54 6.01 15.41
N TRP C 14 -32.79 5.99 14.33
CA TRP C 14 -33.28 5.48 13.04
C TRP C 14 -32.91 3.99 12.88
N GLN C 15 -32.10 3.46 13.80
CA GLN C 15 -31.67 2.05 13.79
C GLN C 15 -32.83 1.09 14.07
N LEU C 16 -33.01 0.16 13.16
CA LEU C 16 -34.06 -0.83 13.27
C LEU C 16 -33.50 -2.23 13.35
N SER C 17 -34.33 -3.14 13.83
CA SER C 17 -33.97 -4.53 13.86
C SER C 17 -34.94 -5.19 12.90
N GLN C 18 -34.44 -5.63 11.76
CA GLN C 18 -35.28 -6.31 10.79
C GLN C 18 -35.24 -7.78 11.12
N GLN C 19 -36.40 -8.34 11.42
CA GLN C 19 -36.49 -9.74 11.77
C GLN C 19 -37.09 -10.57 10.69
N ARG C 20 -36.69 -11.82 10.65
CA ARG C 20 -37.21 -12.72 9.65
C ARG C 20 -37.84 -13.91 10.35
N GLN C 21 -38.97 -14.36 9.84
CA GLN C 21 -39.67 -15.49 10.42
C GLN C 21 -39.28 -16.81 9.74
N SER C 22 -38.79 -17.67 10.59
CA SER C 22 -38.39 -19.04 10.29
C SER C 22 -38.89 -19.90 11.44
N GLY C 23 -40.20 -19.99 11.47
CA GLY C 23 -40.92 -20.64 12.56
C GLY C 23 -41.08 -19.59 13.65
N SER C 24 -39.96 -19.14 14.21
CA SER C 24 -39.96 -18.07 15.21
C SER C 24 -39.25 -16.84 14.61
N TRP C 25 -39.59 -15.65 15.08
CA TRP C 25 -38.96 -14.43 14.55
C TRP C 25 -37.59 -14.27 15.15
N SER C 26 -36.61 -13.93 14.31
CA SER C 26 -35.25 -13.71 14.81
C SER C 26 -34.56 -12.61 14.02
N HIS C 27 -33.71 -11.84 14.67
CA HIS C 27 -33.00 -10.76 14.02
C HIS C 27 -32.22 -11.30 12.83
N SER C 28 -32.43 -10.68 11.67
CA SER C 28 -31.78 -11.09 10.44
C SER C 28 -30.87 -9.96 9.94
N CYS C 29 -31.39 -8.73 9.87
CA CYS C 29 -30.59 -7.60 9.39
C CYS C 29 -30.96 -6.34 10.13
N GLY C 30 -30.20 -5.34 9.80
CA GLY C 30 -30.43 -4.00 10.29
C GLY C 30 -31.17 -3.28 9.18
N ALA C 31 -31.66 -2.14 9.51
CA ALA C 31 -32.37 -1.29 8.55
C ALA C 31 -32.32 0.11 9.12
N SER C 32 -32.72 1.11 8.33
CA SER C 32 -32.71 2.52 8.80
C SER C 32 -34.05 3.15 8.49
N LEU C 33 -34.70 3.73 9.49
CA LEU C 33 -36.00 4.34 9.26
C LEU C 33 -35.85 5.60 8.41
N LEU C 34 -36.58 5.64 7.29
CA LEU C 34 -36.58 6.78 6.37
C LEU C 34 -37.76 7.70 6.71
N SER C 35 -38.87 7.09 7.14
CA SER C 35 -40.10 7.80 7.51
C SER C 35 -40.97 6.89 8.37
N SER C 36 -42.17 7.35 8.69
CA SER C 36 -43.11 6.58 9.50
C SER C 36 -43.63 5.33 8.82
N THR C 37 -43.46 5.22 7.52
CA THR C 37 -43.91 4.04 6.84
C THR C 37 -42.87 3.43 5.91
N SER C 38 -41.64 3.95 5.93
CA SER C 38 -40.56 3.43 5.05
C SER C 38 -39.23 3.21 5.75
N ALA C 39 -38.51 2.19 5.29
CA ALA C 39 -37.21 1.86 5.85
C ALA C 39 -36.21 1.55 4.76
N LEU C 40 -34.95 1.90 5.03
CA LEU C 40 -33.81 1.70 4.12
C LEU C 40 -33.10 0.39 4.48
N SER C 41 -32.80 -0.45 3.49
CA SER C 41 -32.12 -1.70 3.81
C SER C 41 -31.23 -2.16 2.65
N ALA C 42 -30.68 -3.37 2.78
CA ALA C 42 -29.82 -3.99 1.75
C ALA C 42 -30.62 -5.04 1.01
N SER C 43 -30.51 -5.05 -0.31
CA SER C 43 -31.24 -6.00 -1.13
C SER C 43 -30.97 -7.46 -0.76
N HIS C 44 -29.76 -7.80 -0.32
CA HIS C 44 -29.51 -9.21 0.01
C HIS C 44 -30.24 -9.66 1.28
N CYS C 45 -30.89 -8.73 1.97
CA CYS C 45 -31.62 -9.06 3.19
C CYS C 45 -33.04 -9.51 2.88
N VAL C 46 -33.59 -9.03 1.76
CA VAL C 46 -34.96 -9.34 1.42
C VAL C 46 -35.13 -10.28 0.22
N ASP C 47 -34.09 -10.43 -0.58
CA ASP C 47 -34.13 -11.27 -1.78
C ASP C 47 -34.61 -12.69 -1.49
N GLY C 48 -35.60 -13.14 -2.26
CA GLY C 48 -36.13 -14.48 -2.10
C GLY C 48 -36.91 -14.76 -0.82
N VAL C 49 -37.30 -13.71 -0.10
CA VAL C 49 -38.05 -13.81 1.15
C VAL C 49 -39.44 -13.16 0.96
N LEU C 50 -40.51 -13.79 1.44
CA LEU C 50 -41.84 -13.19 1.32
C LEU C 50 -41.98 -12.03 2.29
N PRO C 51 -42.59 -10.91 1.86
CA PRO C 51 -42.76 -9.74 2.72
C PRO C 51 -43.44 -10.04 4.05
N ASN C 52 -44.39 -10.95 4.05
CA ASN C 52 -45.08 -11.29 5.28
C ASN C 52 -44.20 -12.07 6.23
N ASN C 53 -42.95 -12.32 5.84
CA ASN C 53 -42.00 -13.04 6.71
C ASN C 53 -40.89 -12.12 7.21
N ILE C 54 -41.12 -10.81 7.05
CA ILE C 54 -40.17 -9.78 7.46
C ILE C 54 -40.91 -8.77 8.34
N ARG C 55 -40.19 -8.20 9.28
CA ARG C 55 -40.78 -7.17 10.12
C ARG C 55 -39.63 -6.44 10.76
N VAL C 56 -39.89 -5.21 11.16
CA VAL C 56 -38.86 -4.39 11.78
C VAL C 56 -39.32 -3.94 13.19
N ILE C 57 -38.35 -3.65 14.04
CA ILE C 57 -38.64 -3.19 15.39
C ILE C 57 -37.92 -1.87 15.54
N ALA C 58 -38.66 -0.84 15.98
CA ALA C 58 -38.08 0.47 16.19
C ALA C 58 -38.04 0.81 17.67
N GLY C 59 -36.97 1.50 18.06
CA GLY C 59 -36.82 1.91 19.43
C GLY C 59 -36.12 0.93 20.33
N LEU C 60 -35.61 -0.17 19.74
CA LEU C 60 -34.92 -1.22 20.49
C LEU C 60 -33.51 -0.84 20.94
N TRP C 61 -33.13 -1.23 22.16
CA TRP C 61 -31.79 -0.98 22.63
C TRP C 61 -31.18 -2.36 22.91
N GLN C 62 -31.94 -3.16 23.66
CA GLN C 62 -31.59 -4.53 24.08
C GLN C 62 -32.53 -5.48 23.36
N GLN C 63 -32.02 -6.49 22.68
CA GLN C 63 -32.92 -7.42 21.99
C GLN C 63 -33.87 -8.13 22.97
N SER C 64 -33.46 -8.27 24.22
CA SER C 64 -34.26 -8.95 25.24
C SER C 64 -35.37 -8.13 25.86
N ASP C 65 -35.32 -6.82 25.69
CA ASP C 65 -36.37 -5.97 26.23
C ASP C 65 -37.09 -5.21 25.12
N THR C 66 -38.36 -5.56 24.84
CA THR C 66 -39.12 -4.89 23.79
C THR C 66 -40.01 -3.76 24.24
N SER C 67 -39.82 -3.31 25.48
CA SER C 67 -40.57 -2.24 26.09
C SER C 67 -40.16 -0.90 25.45
N GLY C 68 -41.17 -0.05 25.19
CA GLY C 68 -40.92 1.27 24.62
C GLY C 68 -40.60 1.14 23.15
N THR C 69 -40.98 -0.02 22.64
CA THR C 69 -40.75 -0.42 21.28
C THR C 69 -42.00 -0.41 20.40
N GLN C 70 -41.80 -0.37 19.08
CA GLN C 70 -42.88 -0.38 18.06
C GLN C 70 -42.52 -1.38 16.93
N THR C 71 -43.41 -2.32 16.65
CA THR C 71 -43.17 -3.35 15.64
C THR C 71 -44.09 -3.14 14.47
N ALA C 72 -43.54 -3.22 13.27
CA ALA C 72 -44.36 -3.05 12.08
C ALA C 72 -44.05 -4.17 11.10
N ASN C 73 -45.08 -4.79 10.55
CA ASN C 73 -44.84 -5.83 9.58
C ASN C 73 -44.49 -5.18 8.27
N VAL C 74 -43.80 -5.91 7.40
CA VAL C 74 -43.44 -5.35 6.13
C VAL C 74 -44.54 -5.76 5.19
N ASP C 75 -45.01 -4.81 4.40
CA ASP C 75 -46.09 -5.03 3.45
C ASP C 75 -45.47 -5.44 2.12
N SER C 76 -44.39 -4.78 1.73
CA SER C 76 -43.69 -5.14 0.51
C SER C 76 -42.37 -4.42 0.52
N TYR C 77 -41.48 -4.78 -0.39
CA TYR C 77 -40.19 -4.14 -0.47
C TYR C 77 -39.82 -3.93 -1.91
N THR C 78 -38.97 -2.95 -2.15
CA THR C 78 -38.51 -2.65 -3.49
C THR C 78 -37.01 -2.88 -3.50
N MET C 79 -36.55 -3.84 -4.30
CA MET C 79 -35.13 -4.09 -4.40
C MET C 79 -34.66 -3.23 -5.56
N HIS C 80 -33.38 -2.92 -5.60
CA HIS C 80 -32.88 -2.13 -6.69
C HIS C 80 -32.94 -2.99 -7.96
N GLU C 81 -33.45 -2.43 -9.05
CA GLU C 81 -33.58 -3.16 -10.31
C GLU C 81 -32.25 -3.71 -10.85
N ASN C 82 -31.15 -3.04 -10.59
CA ASN C 82 -29.86 -3.52 -11.08
C ASN C 82 -29.02 -4.20 -10.01
N TYR C 83 -29.69 -4.73 -8.98
CA TYR C 83 -29.00 -5.41 -7.90
C TYR C 83 -28.22 -6.59 -8.48
N GLY C 84 -26.93 -6.63 -8.22
CA GLY C 84 -26.10 -7.72 -8.71
C GLY C 84 -25.62 -7.57 -10.13
N ALA C 85 -26.02 -6.49 -10.81
CA ALA C 85 -25.59 -6.27 -12.19
C ALA C 85 -24.26 -5.55 -12.27
N GLY C 86 -23.36 -6.06 -13.10
CA GLY C 86 -22.07 -5.44 -13.23
C GLY C 86 -21.00 -6.36 -12.68
N THR C 87 -19.79 -5.84 -12.53
CA THR C 87 -18.67 -6.63 -12.05
C THR C 87 -18.52 -6.45 -10.56
N ALA C 88 -18.78 -5.25 -10.07
CA ALA C 88 -18.66 -4.92 -8.66
C ALA C 88 -19.41 -5.93 -7.79
N SER C 89 -18.84 -6.24 -6.63
CA SER C 89 -19.44 -7.20 -5.72
C SER C 89 -20.66 -6.64 -4.99
N TYR C 90 -21.77 -7.39 -5.04
CA TYR C 90 -23.03 -6.97 -4.44
C TYR C 90 -23.33 -5.55 -4.93
N SER C 91 -23.51 -5.41 -6.23
CA SER C 91 -23.78 -4.11 -6.85
C SER C 91 -25.23 -3.71 -6.65
N ASN C 92 -25.43 -2.45 -6.28
CA ASN C 92 -26.75 -1.91 -6.05
C ASN C 92 -27.51 -2.68 -4.96
N ASP C 93 -26.82 -2.95 -3.87
CA ASP C 93 -27.39 -3.67 -2.72
C ASP C 93 -28.12 -2.62 -1.88
N ILE C 94 -29.29 -2.21 -2.36
CA ILE C 94 -30.09 -1.21 -1.68
C ILE C 94 -31.57 -1.58 -1.87
N ALA C 95 -32.39 -1.45 -0.83
CA ALA C 95 -33.81 -1.78 -0.96
C ALA C 95 -34.66 -0.89 -0.04
N ILE C 96 -35.91 -0.67 -0.41
CA ILE C 96 -36.81 0.10 0.42
C ILE C 96 -37.86 -0.91 0.89
N LEU C 97 -38.21 -0.85 2.18
CA LEU C 97 -39.24 -1.75 2.70
C LEU C 97 -40.43 -0.89 3.01
N HIS C 98 -41.60 -1.33 2.56
CA HIS C 98 -42.84 -0.59 2.78
C HIS C 98 -43.57 -1.25 3.93
N LEU C 99 -43.71 -0.49 5.01
CA LEU C 99 -44.35 -0.96 6.23
C LEU C 99 -45.86 -1.04 6.17
N ALA C 100 -46.41 -2.05 6.82
CA ALA C 100 -47.85 -2.28 6.82
C ALA C 100 -48.57 -1.33 7.76
N THR C 101 -47.83 -0.70 8.65
CA THR C 101 -48.42 0.24 9.60
C THR C 101 -47.46 1.39 9.76
N SER C 102 -47.95 2.46 10.36
CA SER C 102 -47.14 3.65 10.58
C SER C 102 -46.44 3.60 11.91
N ILE C 103 -45.19 3.99 11.94
CA ILE C 103 -44.48 4.01 13.19
C ILE C 103 -44.66 5.42 13.75
N SER C 104 -44.96 5.49 15.04
CA SER C 104 -45.16 6.75 15.75
C SER C 104 -43.77 7.27 16.06
N LEU C 105 -43.33 8.28 15.32
CA LEU C 105 -42.00 8.81 15.53
C LEU C 105 -41.85 9.57 16.85
N GLY C 106 -41.52 8.80 17.90
CA GLY C 106 -41.34 9.34 19.23
C GLY C 106 -40.00 10.02 19.43
N GLY C 107 -39.42 9.82 20.62
CA GLY C 107 -38.14 10.42 20.93
C GLY C 107 -36.97 9.55 20.55
N ASN C 108 -37.00 8.31 21.00
CA ASN C 108 -35.95 7.33 20.72
C ASN C 108 -36.14 6.73 19.30
N ILE C 109 -37.20 7.15 18.63
CA ILE C 109 -37.55 6.70 17.28
C ILE C 109 -37.63 7.92 16.37
N GLN C 110 -36.70 8.01 15.44
CA GLN C 110 -36.67 9.15 14.54
C GLN C 110 -36.23 8.70 13.16
N ALA C 111 -36.55 9.49 12.14
CA ALA C 111 -36.15 9.17 10.78
C ALA C 111 -34.68 9.58 10.49
N ALA C 112 -33.99 8.80 9.68
CA ALA C 112 -32.61 9.10 9.33
C ALA C 112 -32.56 10.34 8.47
N VAL C 113 -31.36 10.90 8.35
CA VAL C 113 -31.14 12.07 7.54
C VAL C 113 -30.05 11.63 6.58
N LEU C 114 -30.34 11.72 5.29
CA LEU C 114 -29.43 11.33 4.22
C LEU C 114 -28.58 12.47 3.75
N PRO C 115 -27.49 12.16 3.04
CA PRO C 115 -26.62 13.22 2.54
C PRO C 115 -27.40 14.13 1.59
N ALA C 116 -26.99 15.38 1.47
CA ALA C 116 -27.67 16.32 0.58
C ALA C 116 -27.34 16.15 -0.89
N ASN C 117 -26.19 15.54 -1.20
CA ASN C 117 -25.78 15.36 -2.60
C ASN C 117 -24.66 14.34 -2.66
N ASN C 118 -24.07 14.19 -3.84
CA ASN C 118 -22.99 13.25 -4.02
C ASN C 118 -21.67 13.96 -4.25
N ASN C 119 -21.51 15.17 -3.72
CA ASN C 119 -20.26 15.96 -3.86
C ASN C 119 -19.14 15.50 -2.92
N ASN C 120 -19.49 14.76 -1.86
CA ASN C 120 -18.54 14.31 -0.84
C ASN C 120 -18.48 12.78 -0.69
N ASP C 121 -17.28 12.22 -0.72
CA ASP C 121 -17.15 10.78 -0.55
C ASP C 121 -16.77 10.43 0.88
N TYR C 122 -16.61 11.45 1.71
CA TYR C 122 -16.29 11.30 3.12
C TYR C 122 -14.99 10.56 3.42
N ALA C 123 -14.12 10.37 2.45
CA ALA C 123 -12.85 9.70 2.70
C ALA C 123 -12.05 10.47 3.74
N GLY C 124 -11.78 9.80 4.84
CA GLY C 124 -10.97 10.37 5.93
C GLY C 124 -11.83 10.75 7.14
N THR C 125 -13.14 10.55 7.01
CA THR C 125 -14.09 10.86 8.08
C THR C 125 -14.27 9.66 9.01
N THR C 126 -14.18 9.95 10.29
CA THR C 126 -14.35 8.95 11.36
C THR C 126 -15.84 8.84 11.70
N CYS C 127 -16.44 7.79 11.16
CA CYS C 127 -17.90 7.57 11.27
C CYS C 127 -18.11 6.46 12.29
N VAL C 128 -19.38 6.13 12.48
CA VAL C 128 -19.81 5.12 13.46
C VAL C 128 -20.77 4.09 12.84
N ILE C 129 -20.35 2.84 12.90
CA ILE C 129 -21.20 1.73 12.43
C ILE C 129 -21.92 1.15 13.65
N SER C 130 -23.18 0.75 13.45
CA SER C 130 -23.97 0.23 14.53
C SER C 130 -24.77 -1.02 14.14
N GLY C 131 -25.03 -1.88 15.12
CA GLY C 131 -25.80 -3.07 14.83
C GLY C 131 -25.85 -4.16 15.91
N TRP C 132 -26.68 -5.18 15.66
CA TRP C 132 -26.82 -6.30 16.57
C TRP C 132 -26.22 -7.53 15.92
N GLY C 133 -25.23 -7.34 15.04
CA GLY C 133 -24.59 -8.47 14.35
C GLY C 133 -23.52 -9.15 15.19
N ARG C 134 -22.91 -10.21 14.66
CA ARG C 134 -21.90 -10.97 15.44
C ARG C 134 -20.77 -10.10 15.96
N THR C 135 -20.29 -10.44 17.15
CA THR C 135 -19.20 -9.72 17.83
C THR C 135 -17.91 -10.53 17.92
N ASP C 136 -18.02 -11.82 17.59
CA ASP C 136 -16.90 -12.76 17.62
C ASP C 136 -17.09 -13.91 16.63
N GLY C 137 -16.26 -14.94 16.77
CA GLY C 137 -16.31 -16.11 15.90
C GLY C 137 -17.51 -17.02 16.09
N THR C 138 -18.19 -16.86 17.21
CA THR C 138 -19.38 -17.66 17.53
C THR C 138 -20.55 -17.13 16.73
N ASN C 139 -21.70 -17.78 16.90
CA ASN C 139 -22.91 -17.34 16.24
C ASN C 139 -23.93 -16.68 17.14
N ASN C 140 -23.46 -16.23 18.30
CA ASN C 140 -24.32 -15.54 19.23
C ASN C 140 -24.39 -14.08 18.79
N LEU C 141 -25.55 -13.47 19.00
CA LEU C 141 -25.80 -12.06 18.68
C LEU C 141 -25.85 -11.31 19.99
N PRO C 142 -25.30 -10.08 20.01
CA PRO C 142 -25.35 -9.35 21.30
C PRO C 142 -26.76 -8.90 21.59
N ASP C 143 -27.05 -8.74 22.88
CA ASP C 143 -28.36 -8.29 23.35
C ASP C 143 -28.47 -6.77 23.17
N ILE C 144 -27.41 -6.08 23.59
CA ILE C 144 -27.35 -4.61 23.52
C ILE C 144 -26.74 -4.13 22.20
N LEU C 145 -27.25 -3.01 21.67
CA LEU C 145 -26.76 -2.44 20.41
C LEU C 145 -25.28 -2.07 20.49
N GLN C 146 -24.54 -2.46 19.45
CA GLN C 146 -23.13 -2.21 19.38
C GLN C 146 -22.81 -1.09 18.40
N LYS C 147 -21.76 -0.35 18.69
CA LYS C 147 -21.34 0.74 17.83
C LYS C 147 -19.82 0.71 17.80
N SER C 148 -19.27 1.42 16.82
CA SER C 148 -17.82 1.49 16.69
C SER C 148 -17.40 2.67 15.81
N SER C 149 -16.36 3.38 16.25
CA SER C 149 -15.84 4.49 15.50
C SER C 149 -14.84 3.89 14.53
N ILE C 150 -15.01 4.20 13.25
CA ILE C 150 -14.16 3.69 12.19
C ILE C 150 -14.19 4.69 10.99
N PRO C 151 -13.03 4.92 10.34
CA PRO C 151 -12.93 5.84 9.21
C PRO C 151 -13.23 5.35 7.81
N VAL C 152 -13.70 6.28 6.98
CA VAL C 152 -14.00 6.01 5.59
C VAL C 152 -12.69 6.15 4.82
N ILE C 153 -12.47 5.26 3.86
CA ILE C 153 -11.29 5.30 3.03
C ILE C 153 -11.71 5.49 1.56
N THR C 154 -10.74 5.74 0.68
CA THR C 154 -11.02 5.94 -0.74
C THR C 154 -11.21 4.65 -1.53
N THR C 155 -11.86 4.76 -2.66
CA THR C 155 -12.10 3.63 -3.54
C THR C 155 -10.81 2.93 -3.88
N ALA C 156 -9.76 3.74 -4.10
CA ALA C 156 -8.43 3.25 -4.45
C ALA C 156 -7.78 2.52 -3.29
N GLN C 157 -8.05 3.01 -2.09
CA GLN C 157 -7.53 2.43 -0.85
C GLN C 157 -8.27 1.14 -0.58
N CYS C 158 -9.57 1.18 -0.79
CA CYS C 158 -10.36 0.01 -0.56
C CYS C 158 -10.00 -1.03 -1.59
N THR C 159 -9.76 -0.59 -2.82
CA THR C 159 -9.40 -1.51 -3.90
C THR C 159 -8.06 -2.20 -3.64
N ALA C 160 -7.14 -1.48 -3.02
CA ALA C 160 -5.84 -2.05 -2.69
C ALA C 160 -5.94 -2.99 -1.49
N ALA C 161 -6.85 -2.70 -0.55
CA ALA C 161 -7.03 -3.53 0.64
C ALA C 161 -7.66 -4.88 0.35
N MET C 162 -8.27 -5.02 -0.81
CA MET C 162 -8.92 -6.26 -1.17
C MET C 162 -8.16 -7.07 -2.17
N VAL C 163 -6.93 -6.68 -2.46
CA VAL C 163 -6.11 -7.44 -3.39
C VAL C 163 -5.86 -8.78 -2.68
N GLY C 164 -5.95 -9.88 -3.42
CA GLY C 164 -5.75 -11.18 -2.82
C GLY C 164 -7.11 -11.84 -2.66
N VAL C 165 -8.06 -11.13 -2.05
CA VAL C 165 -9.42 -11.62 -1.85
C VAL C 165 -10.12 -11.83 -3.20
N GLY C 166 -10.42 -13.07 -3.51
CA GLY C 166 -11.08 -13.38 -4.76
C GLY C 166 -12.54 -12.98 -4.74
N GLY C 167 -12.95 -12.26 -5.78
CA GLY C 167 -14.34 -11.83 -5.86
C GLY C 167 -14.64 -10.54 -5.13
N ALA C 168 -13.61 -9.92 -4.57
CA ALA C 168 -13.79 -8.67 -3.87
C ALA C 168 -13.59 -7.54 -4.90
N ASN C 169 -14.66 -7.20 -5.62
CA ASN C 169 -14.64 -6.15 -6.64
C ASN C 169 -15.32 -4.85 -6.19
N ILE C 170 -14.50 -3.80 -6.11
CA ILE C 170 -14.92 -2.47 -5.66
C ILE C 170 -15.24 -1.45 -6.77
N TRP C 171 -16.09 -0.49 -6.45
CA TRP C 171 -16.43 0.61 -7.37
C TRP C 171 -16.90 1.82 -6.56
N ASP C 172 -17.09 2.95 -7.23
CA ASP C 172 -17.51 4.18 -6.55
C ASP C 172 -18.85 4.11 -5.84
N ASN C 173 -19.68 3.13 -6.17
CA ASN C 173 -20.98 3.07 -5.53
C ASN C 173 -20.89 2.31 -4.22
N HIS C 174 -19.66 1.97 -3.87
CA HIS C 174 -19.33 1.30 -2.61
C HIS C 174 -18.72 2.42 -1.77
N ILE C 175 -18.82 2.28 -0.45
CA ILE C 175 -18.18 3.20 0.49
C ILE C 175 -17.58 2.33 1.57
N CYS C 176 -16.28 2.16 1.49
CA CYS C 176 -15.53 1.30 2.42
C CYS C 176 -15.16 2.04 3.69
N VAL C 177 -15.02 1.24 4.71
CA VAL C 177 -14.66 1.67 6.07
C VAL C 177 -13.66 0.65 6.60
N GLN C 178 -12.52 1.13 7.13
CA GLN C 178 -11.48 0.19 7.61
C GLN C 178 -10.70 0.67 8.83
N ASP C 179 -10.60 -0.19 9.85
CA ASP C 179 -9.87 0.11 11.07
C ASP C 179 -8.40 -0.06 10.81
N PRO C 180 -7.64 1.02 10.95
CA PRO C 180 -6.19 0.93 10.71
C PRO C 180 -5.50 -0.11 11.61
N ALA C 181 -5.96 -0.23 12.86
CA ALA C 181 -5.42 -1.19 13.82
C ALA C 181 -5.92 -2.62 13.57
N GLY C 182 -6.96 -2.74 12.75
CA GLY C 182 -7.55 -4.04 12.42
C GLY C 182 -8.35 -4.68 13.54
N ASN C 183 -8.90 -3.89 14.44
CA ASN C 183 -9.64 -4.43 15.57
C ASN C 183 -11.15 -4.45 15.42
N THR C 184 -11.70 -3.46 14.72
CA THR C 184 -13.14 -3.40 14.57
C THR C 184 -13.67 -3.45 13.14
N GLY C 185 -14.93 -3.86 13.02
CA GLY C 185 -15.56 -3.96 11.72
C GLY C 185 -16.93 -4.62 11.79
N ALA C 186 -17.65 -4.61 10.67
CA ALA C 186 -18.98 -5.20 10.62
C ALA C 186 -18.87 -6.71 10.59
N CYS C 187 -20.00 -7.38 10.71
CA CYS C 187 -20.04 -8.83 10.65
C CYS C 187 -21.49 -9.16 10.35
N ASN C 188 -21.75 -10.45 10.20
CA ASN C 188 -23.07 -10.98 9.93
C ASN C 188 -24.13 -10.50 10.92
N GLY C 189 -25.25 -9.99 10.41
CA GLY C 189 -26.29 -9.50 11.27
C GLY C 189 -26.29 -7.98 11.24
N ASP C 190 -25.18 -7.42 10.81
CA ASP C 190 -25.03 -5.96 10.69
C ASP C 190 -25.55 -5.50 9.32
N SER C 191 -25.61 -6.40 8.35
CA SER C 191 -26.11 -6.06 7.03
C SER C 191 -27.38 -5.22 7.05
N GLY C 192 -27.56 -4.35 6.05
CA GLY C 192 -28.73 -3.49 5.96
C GLY C 192 -28.76 -2.27 6.85
N GLY C 193 -27.88 -2.22 7.86
CA GLY C 193 -27.87 -1.09 8.79
C GLY C 193 -27.15 0.16 8.34
N PRO C 194 -27.06 1.21 9.19
CA PRO C 194 -26.47 2.49 8.85
C PRO C 194 -24.99 2.59 9.23
N LEU C 195 -24.38 3.39 8.33
CA LEU C 195 -23.01 3.90 8.46
C LEU C 195 -23.20 5.37 8.81
N ASN C 196 -23.01 5.68 10.07
CA ASN C 196 -23.30 7.01 10.57
C ASN C 196 -22.11 7.95 10.54
N CYS C 197 -22.25 9.04 9.78
CA CYS C 197 -21.17 10.01 9.64
C CYS C 197 -21.55 11.43 10.02
N PRO C 198 -20.55 12.19 10.49
CA PRO C 198 -20.70 13.59 10.89
C PRO C 198 -20.74 14.37 9.57
N ASP C 199 -21.81 15.11 9.33
CA ASP C 199 -21.96 15.84 8.08
C ASP C 199 -23.06 16.90 8.24
N GLY C 200 -22.83 17.88 9.11
CA GLY C 200 -23.85 18.89 9.36
C GLY C 200 -24.96 18.14 10.06
N GLY C 201 -24.57 17.42 11.12
CA GLY C 201 -25.48 16.60 11.89
C GLY C 201 -25.10 15.19 11.50
N THR C 202 -25.67 14.19 12.15
CA THR C 202 -25.37 12.79 11.83
C THR C 202 -26.22 12.36 10.65
N ARG C 203 -25.60 11.81 9.63
CA ARG C 203 -26.41 11.40 8.50
C ARG C 203 -26.07 9.95 8.18
N VAL C 204 -27.05 9.23 7.70
CA VAL C 204 -26.84 7.85 7.26
C VAL C 204 -26.32 7.92 5.84
N VAL C 205 -25.06 7.60 5.69
CA VAL C 205 -24.42 7.71 4.37
C VAL C 205 -24.03 6.36 3.79
N GLY C 206 -24.46 5.29 4.41
CA GLY C 206 -24.13 3.97 3.93
C GLY C 206 -25.05 2.89 4.46
N VAL C 207 -25.08 1.75 3.77
CA VAL C 207 -25.90 0.61 4.15
C VAL C 207 -24.97 -0.58 4.12
N THR C 208 -24.83 -1.28 5.25
CA THR C 208 -23.97 -2.48 5.35
C THR C 208 -24.29 -3.50 4.26
N SER C 209 -23.25 -3.90 3.52
CA SER C 209 -23.40 -4.85 2.42
C SER C 209 -22.61 -6.14 2.63
N TRP C 210 -21.29 -6.03 2.71
CA TRP C 210 -20.44 -7.20 2.91
C TRP C 210 -19.11 -6.95 3.60
N VAL C 211 -18.56 -8.02 4.16
CA VAL C 211 -17.29 -8.00 4.85
C VAL C 211 -16.52 -9.21 4.30
N VAL C 212 -15.24 -9.31 4.62
CA VAL C 212 -14.42 -10.43 4.19
C VAL C 212 -14.43 -11.43 5.36
N SER C 213 -14.73 -12.69 5.05
CA SER C 213 -14.80 -13.76 6.05
C SER C 213 -13.72 -14.81 5.80
N SER C 214 -13.39 -15.57 6.85
CA SER C 214 -12.39 -16.62 6.76
C SER C 214 -13.04 -17.94 6.40
N GLY C 215 -12.21 -18.95 6.19
CA GLY C 215 -12.65 -20.29 5.81
C GLY C 215 -13.44 -20.98 6.92
N LEU C 216 -13.38 -20.42 8.12
CA LEU C 216 -14.07 -20.97 9.27
C LEU C 216 -15.30 -20.14 9.68
N GLY C 217 -15.68 -19.13 8.86
CA GLY C 217 -16.88 -18.29 9.11
C GLY C 217 -16.61 -17.10 10.06
N ALA C 218 -15.37 -16.58 10.00
CA ALA C 218 -14.90 -15.45 10.82
C ALA C 218 -14.86 -14.17 10.02
N CYS C 219 -15.48 -13.12 10.52
CA CYS C 219 -15.44 -11.85 9.82
C CYS C 219 -14.03 -11.32 10.04
N LEU C 220 -13.41 -10.78 8.99
CA LEU C 220 -12.05 -10.27 9.14
C LEU C 220 -11.89 -8.75 9.11
N PRO C 221 -11.86 -8.12 10.31
CA PRO C 221 -11.71 -6.67 10.42
C PRO C 221 -10.38 -6.14 9.89
N ASP C 222 -9.55 -7.02 9.34
CA ASP C 222 -8.28 -6.59 8.80
C ASP C 222 -8.51 -6.07 7.39
N TYR C 223 -9.65 -6.44 6.83
CA TYR C 223 -10.07 -6.00 5.51
C TYR C 223 -11.23 -5.03 5.79
N PRO C 224 -11.53 -4.16 4.82
CA PRO C 224 -12.62 -3.19 5.08
C PRO C 224 -14.00 -3.85 5.05
N SER C 225 -14.90 -3.11 5.65
CA SER C 225 -16.34 -3.43 5.67
C SER C 225 -16.95 -2.57 4.56
N VAL C 226 -17.72 -3.20 3.70
CA VAL C 226 -18.23 -2.50 2.52
C VAL C 226 -19.70 -2.12 2.62
N TYR C 227 -19.97 -0.84 2.53
CA TYR C 227 -21.34 -0.34 2.60
C TYR C 227 -21.78 0.14 1.21
N THR C 228 -23.08 0.33 1.03
CA THR C 228 -23.59 0.83 -0.24
C THR C 228 -23.59 2.33 -0.03
N ARG C 229 -22.94 3.06 -0.93
CA ARG C 229 -22.84 4.50 -0.83
C ARG C 229 -24.18 5.15 -1.21
N VAL C 230 -24.88 5.62 -0.17
CA VAL C 230 -26.20 6.24 -0.30
C VAL C 230 -26.30 7.49 -1.20
N SER C 231 -25.36 8.42 -1.05
CA SER C 231 -25.39 9.63 -1.84
C SER C 231 -25.43 9.33 -3.35
N ALA C 232 -25.12 8.09 -3.70
CA ALA C 232 -25.13 7.70 -5.11
C ALA C 232 -26.44 7.07 -5.53
N TYR C 233 -27.43 7.10 -4.64
CA TYR C 233 -28.73 6.51 -4.94
C TYR C 233 -29.82 7.41 -4.44
N LEU C 234 -29.53 8.70 -4.28
CA LEU C 234 -30.51 9.65 -3.77
C LEU C 234 -31.75 9.83 -4.64
N GLY C 235 -31.61 9.69 -5.96
CA GLY C 235 -32.76 9.83 -6.84
C GLY C 235 -33.61 8.57 -6.78
N TRP C 236 -32.94 7.43 -6.80
CA TRP C 236 -33.59 6.13 -6.73
C TRP C 236 -34.39 6.05 -5.43
N ILE C 237 -33.74 6.35 -4.31
CA ILE C 237 -34.40 6.34 -3.01
C ILE C 237 -35.65 7.24 -2.99
N GLY C 238 -35.51 8.47 -3.48
CA GLY C 238 -36.65 9.39 -3.51
C GLY C 238 -37.76 8.96 -4.45
N ASP C 239 -37.38 8.17 -5.45
CA ASP C 239 -38.31 7.65 -6.45
C ASP C 239 -39.10 6.43 -5.95
N ASN C 240 -38.46 5.63 -5.09
CA ASN C 240 -39.05 4.40 -4.60
C ASN C 240 -39.52 4.44 -3.17
N SER C 241 -39.52 5.64 -2.61
CA SER C 241 -39.97 5.87 -1.25
C SER C 241 -41.37 6.53 -1.31
#